data_9J2R
#
_entry.id   9J2R
#
_cell.length_a   83.516
_cell.length_b   91.674
_cell.length_c   113.551
_cell.angle_alpha   90.00
_cell.angle_beta   90.00
_cell.angle_gamma   90.00
#
_symmetry.space_group_name_H-M   'P 21 21 21'
#
loop_
_entity.id
_entity.type
_entity.pdbx_description
1 polymer SnPolE-Y157A
2 non-polymer 'FE (II) ION'
3 non-polymer ISOLEUCINE
4 water water
#
_entity_poly.entity_id   1
_entity_poly.type   'polypeptide(L)'
_entity_poly.pdbx_seq_one_letter_code
;MPNSPTAAVIAEVDELREKIKGSRNSFRDQSFLDQLAQHIADAPHLGRQPIARALVEDLRGYASEPRLAAVKAHINEERD
QHIFSLFDASYFPSLSLEYLTYETLPTNPHLAARYASPTMPVNIIASSKGFQSRVVVALFPENHIDGIQRGDDLIFAFIN
KFVERHNRITRKMIDAVMAEGSFPLLRGADDRTVEQASSWWVRLHEYHHRQGDMPIPEFLRYKKLKPLAGLEELRVDVSG
MLVCLNDPELPADEARLAYEYILSERLLRYAVEGIPRPNYDAVASQLLFNYLSEHGGIELHGGVIRLCPELPAVLTEFLD
RIQRIEQRIHTTSAEEVQQNLLEFTNRYTDYDPDAKDYRHIPFFAEIKERLGV
;
_entity_poly.pdbx_strand_id   A,B
#
# COMPACT_ATOMS: atom_id res chain seq x y z
N SER A 4 0.16 -25.82 -29.96
CA SER A 4 -1.00 -26.12 -29.07
C SER A 4 -2.29 -25.51 -29.61
N PRO A 5 -3.41 -26.26 -29.64
CA PRO A 5 -4.68 -25.71 -30.04
C PRO A 5 -5.16 -24.68 -29.01
N THR A 6 -5.19 -25.05 -27.73
CA THR A 6 -5.54 -24.06 -26.71
C THR A 6 -4.71 -22.78 -26.87
N ALA A 7 -3.43 -22.90 -27.25
CA ALA A 7 -2.59 -21.72 -27.43
C ALA A 7 -3.13 -20.82 -28.55
N ALA A 8 -3.69 -21.42 -29.61
CA ALA A 8 -4.26 -20.62 -30.69
C ALA A 8 -5.60 -20.00 -30.30
N VAL A 9 -6.39 -20.70 -29.46
CA VAL A 9 -7.59 -20.11 -28.89
C VAL A 9 -7.23 -18.89 -28.05
N ILE A 10 -6.21 -19.01 -27.21
CA ILE A 10 -5.84 -17.93 -26.32
C ILE A 10 -5.31 -16.74 -27.09
N ALA A 11 -4.56 -17.01 -28.17
CA ALA A 11 -4.07 -15.91 -29.00
C ALA A 11 -5.24 -15.10 -29.58
N GLU A 12 -6.31 -15.78 -30.01
CA GLU A 12 -7.48 -15.05 -30.48
C GLU A 12 -8.13 -14.23 -29.37
N VAL A 13 -8.23 -14.80 -28.17
CA VAL A 13 -8.79 -14.06 -27.04
C VAL A 13 -7.93 -12.84 -26.73
N ASP A 14 -6.61 -13.05 -26.62
CA ASP A 14 -5.69 -11.96 -26.30
C ASP A 14 -5.77 -10.83 -27.33
N GLU A 15 -6.02 -11.18 -28.60
CA GLU A 15 -6.10 -10.17 -29.63
C GLU A 15 -7.40 -9.39 -29.55
N LEU A 16 -8.53 -10.07 -29.32
CA LEU A 16 -9.79 -9.36 -29.08
C LEU A 16 -9.73 -8.52 -27.81
N ARG A 17 -9.13 -9.08 -26.76
CA ARG A 17 -8.91 -8.33 -25.53
C ARG A 17 -8.19 -7.01 -25.81
N GLU A 18 -7.14 -7.06 -26.62
CA GLU A 18 -6.40 -5.85 -26.98
C GLU A 18 -7.28 -4.82 -27.69
N LYS A 19 -8.17 -5.28 -28.56
CA LYS A 19 -8.99 -4.33 -29.31
C LYS A 19 -10.00 -3.64 -28.40
N ILE A 20 -10.54 -4.35 -27.41
CA ILE A 20 -11.62 -3.80 -26.60
C ILE A 20 -11.12 -3.12 -25.34
N LYS A 21 -9.81 -3.10 -25.09
CA LYS A 21 -9.29 -2.25 -24.03
C LYS A 21 -9.62 -0.80 -24.36
N GLY A 22 -9.86 -0.01 -23.33
CA GLY A 22 -10.33 1.33 -23.57
C GLY A 22 -11.79 1.42 -23.96
N SER A 23 -12.51 0.30 -24.05
CA SER A 23 -13.95 0.33 -24.23
C SER A 23 -14.70 -0.17 -23.00
N ARG A 24 -14.11 -0.09 -21.81
CA ARG A 24 -14.78 -0.66 -20.64
C ARG A 24 -16.11 0.02 -20.38
N ASN A 25 -16.22 1.32 -20.66
CA ASN A 25 -17.46 2.02 -20.41
C ASN A 25 -18.63 1.48 -21.23
N SER A 26 -18.36 0.82 -22.36
CA SER A 26 -19.45 0.28 -23.17
C SER A 26 -19.58 -1.23 -23.05
N PHE A 27 -19.06 -1.84 -21.98
CA PHE A 27 -19.14 -3.30 -21.85
C PHE A 27 -20.56 -3.81 -21.65
N ARG A 28 -21.52 -2.93 -21.34
CA ARG A 28 -22.91 -3.33 -21.21
C ARG A 28 -23.78 -2.63 -22.24
N ASP A 29 -23.17 -1.89 -23.17
CA ASP A 29 -23.86 -1.29 -24.30
C ASP A 29 -24.12 -2.35 -25.36
N GLN A 30 -25.38 -2.48 -25.80
CA GLN A 30 -25.75 -3.59 -26.69
C GLN A 30 -25.10 -3.47 -28.06
N SER A 31 -24.82 -2.25 -28.52
CA SER A 31 -24.14 -2.08 -29.79
C SER A 31 -22.72 -2.65 -29.73
N PHE A 32 -22.00 -2.38 -28.64
CA PHE A 32 -20.70 -3.01 -28.43
C PHE A 32 -20.83 -4.51 -28.34
N LEU A 33 -21.81 -4.99 -27.57
CA LEU A 33 -21.91 -6.40 -27.28
C LEU A 33 -22.18 -7.21 -28.54
N ASP A 34 -23.06 -6.69 -29.42
CA ASP A 34 -23.33 -7.38 -30.69
C ASP A 34 -22.06 -7.52 -31.52
N GLN A 35 -21.23 -6.48 -31.55
CA GLN A 35 -19.98 -6.58 -32.32
C GLN A 35 -18.99 -7.52 -31.64
N LEU A 36 -18.91 -7.47 -30.30
CA LEU A 36 -18.02 -8.38 -29.60
C LEU A 36 -18.45 -9.82 -29.83
N ALA A 37 -19.74 -10.10 -29.68
CA ALA A 37 -20.27 -11.44 -29.91
C ALA A 37 -19.96 -11.92 -31.32
N GLN A 38 -20.18 -11.05 -32.32
CA GLN A 38 -19.91 -11.44 -33.69
C GLN A 38 -18.43 -11.78 -33.87
N HIS A 39 -17.54 -10.95 -33.32
CA HIS A 39 -16.10 -11.22 -33.42
C HIS A 39 -15.73 -12.52 -32.73
N ILE A 40 -16.37 -12.83 -31.60
CA ILE A 40 -16.13 -14.12 -30.94
C ILE A 40 -16.59 -15.27 -31.83
N ALA A 41 -17.82 -15.17 -32.34
CA ALA A 41 -18.37 -16.24 -33.17
C ALA A 41 -17.55 -16.46 -34.44
N ASP A 42 -17.01 -15.40 -35.02
CA ASP A 42 -16.18 -15.52 -36.21
C ASP A 42 -14.73 -15.83 -35.91
N ALA A 43 -14.38 -16.13 -34.66
CA ALA A 43 -12.99 -16.47 -34.41
C ALA A 43 -12.75 -17.93 -34.79
N PRO A 44 -11.76 -18.22 -35.63
CA PRO A 44 -11.62 -19.57 -36.18
C PRO A 44 -11.54 -20.69 -35.15
N HIS A 45 -10.76 -20.52 -34.09
CA HIS A 45 -10.63 -21.56 -33.07
C HIS A 45 -11.55 -21.33 -31.88
N LEU A 46 -11.64 -20.09 -31.40
CA LEU A 46 -12.43 -19.79 -30.22
C LEU A 46 -13.93 -19.99 -30.46
N GLY A 47 -14.43 -19.54 -31.63
CA GLY A 47 -15.84 -19.64 -31.92
C GLY A 47 -16.38 -21.06 -31.91
N ARG A 48 -15.52 -22.05 -32.11
CA ARG A 48 -15.95 -23.45 -32.06
C ARG A 48 -16.26 -23.93 -30.65
N GLN A 49 -15.76 -23.24 -29.62
CA GLN A 49 -15.84 -23.76 -28.27
C GLN A 49 -17.25 -23.67 -27.72
N PRO A 50 -17.74 -24.73 -27.07
CA PRO A 50 -19.06 -24.64 -26.41
C PRO A 50 -19.18 -23.46 -25.44
N ILE A 51 -18.14 -23.20 -24.65
CA ILE A 51 -18.27 -22.08 -23.71
C ILE A 51 -18.40 -20.78 -24.48
N ALA A 52 -17.72 -20.66 -25.62
CA ALA A 52 -17.79 -19.43 -26.39
C ALA A 52 -19.14 -19.25 -27.08
N ARG A 53 -19.80 -20.35 -27.44
CA ARG A 53 -21.17 -20.23 -27.96
C ARG A 53 -22.12 -19.81 -26.86
N ALA A 54 -21.86 -20.26 -25.63
CA ALA A 54 -22.68 -19.83 -24.51
C ALA A 54 -22.54 -18.33 -24.28
N LEU A 55 -21.30 -17.80 -24.38
CA LEU A 55 -21.10 -16.38 -24.19
C LEU A 55 -21.74 -15.55 -25.30
N VAL A 56 -21.63 -16.02 -26.55
CA VAL A 56 -22.25 -15.29 -27.65
C VAL A 56 -23.75 -15.21 -27.45
N GLU A 57 -24.38 -16.30 -27.04
CA GLU A 57 -25.81 -16.28 -26.80
C GLU A 57 -26.14 -15.32 -25.65
N ASP A 58 -25.35 -15.37 -24.58
CA ASP A 58 -25.57 -14.50 -23.43
C ASP A 58 -25.45 -13.04 -23.83
N LEU A 59 -24.40 -12.71 -24.57
CA LEU A 59 -24.13 -11.32 -24.94
C LEU A 59 -25.21 -10.79 -25.88
N ARG A 60 -25.68 -11.61 -26.81
CA ARG A 60 -26.69 -11.15 -27.76
C ARG A 60 -28.02 -10.89 -27.07
N GLY A 61 -28.31 -11.59 -25.98
CA GLY A 61 -29.52 -11.36 -25.24
C GLY A 61 -29.45 -10.33 -24.14
N TYR A 62 -28.31 -9.64 -23.98
CA TYR A 62 -28.06 -8.87 -22.76
C TYR A 62 -29.04 -7.72 -22.58
N ALA A 63 -29.48 -7.09 -23.68
CA ALA A 63 -30.39 -5.94 -23.60
C ALA A 63 -31.68 -6.27 -22.87
N SER A 64 -32.19 -7.48 -23.03
CA SER A 64 -33.41 -7.91 -22.35
C SER A 64 -33.16 -8.79 -21.14
N GLU A 65 -32.03 -9.50 -21.09
CA GLU A 65 -31.65 -10.32 -19.95
C GLU A 65 -30.18 -10.04 -19.63
N PRO A 66 -29.89 -9.06 -18.79
CA PRO A 66 -28.49 -8.74 -18.46
C PRO A 66 -27.91 -9.74 -17.46
N ARG A 67 -27.72 -10.96 -17.95
CA ARG A 67 -27.19 -12.06 -17.16
C ARG A 67 -26.33 -12.89 -18.09
N LEU A 68 -25.29 -13.52 -17.55
CA LEU A 68 -24.49 -14.46 -18.32
C LEU A 68 -24.84 -15.90 -17.93
N ALA A 69 -26.12 -16.24 -18.08
CA ALA A 69 -26.64 -17.48 -17.51
C ALA A 69 -26.10 -18.71 -18.23
N ALA A 70 -25.98 -18.66 -19.56
CA ALA A 70 -25.48 -19.83 -20.28
C ALA A 70 -24.01 -20.12 -19.93
N VAL A 71 -23.19 -19.08 -19.88
CA VAL A 71 -21.77 -19.25 -19.53
C VAL A 71 -21.65 -19.87 -18.15
N LYS A 72 -22.38 -19.33 -17.18
CA LYS A 72 -22.24 -19.78 -15.81
C LYS A 72 -22.80 -21.19 -15.64
N ALA A 73 -23.89 -21.52 -16.33
CA ALA A 73 -24.37 -22.90 -16.32
C ALA A 73 -23.28 -23.85 -16.79
N HIS A 74 -22.64 -23.54 -17.92
CA HIS A 74 -21.51 -24.34 -18.40
C HIS A 74 -20.43 -24.47 -17.33
N ILE A 75 -20.03 -23.34 -16.73
CA ILE A 75 -18.94 -23.36 -15.75
C ILE A 75 -19.35 -24.13 -14.51
N ASN A 76 -20.54 -23.82 -13.96
CA ASN A 76 -20.97 -24.44 -12.71
C ASN A 76 -21.21 -25.94 -12.86
N GLU A 77 -21.59 -26.40 -14.05
CA GLU A 77 -21.79 -27.84 -14.28
C GLU A 77 -20.49 -28.56 -14.64
N GLU A 78 -19.39 -27.81 -14.75
CA GLU A 78 -18.10 -28.37 -15.13
C GLU A 78 -18.22 -29.17 -16.44
N ARG A 79 -18.88 -28.57 -17.43
CA ARG A 79 -19.07 -29.25 -18.72
C ARG A 79 -17.72 -29.52 -19.40
N ASP A 80 -16.75 -28.66 -19.13
CA ASP A 80 -15.34 -28.92 -19.37
C ASP A 80 -14.56 -28.06 -18.37
N GLN A 81 -13.24 -27.97 -18.57
CA GLN A 81 -12.34 -27.27 -17.65
C GLN A 81 -11.90 -25.92 -18.21
N HIS A 82 -12.75 -25.28 -19.01
CA HIS A 82 -12.45 -23.99 -19.62
C HIS A 82 -13.33 -22.92 -19.00
N ILE A 83 -12.75 -21.74 -18.75
CA ILE A 83 -13.51 -20.56 -18.32
C ILE A 83 -13.27 -19.46 -19.33
N PHE A 84 -14.35 -18.78 -19.72
CA PHE A 84 -14.29 -17.74 -20.75
C PHE A 84 -15.49 -16.84 -20.57
N SER A 85 -15.25 -15.54 -20.44
CA SER A 85 -16.35 -14.62 -20.21
C SER A 85 -15.82 -13.20 -20.36
N LEU A 86 -16.71 -12.24 -20.14
CA LEU A 86 -16.39 -10.82 -20.11
C LEU A 86 -16.52 -10.35 -18.66
N PHE A 87 -15.45 -9.80 -18.11
CA PHE A 87 -15.33 -9.54 -16.68
C PHE A 87 -15.25 -8.05 -16.38
N ASP A 88 -15.75 -7.69 -15.19
CA ASP A 88 -15.66 -6.30 -14.70
C ASP A 88 -15.55 -6.40 -13.18
N ALA A 89 -14.31 -6.54 -12.69
CA ALA A 89 -14.03 -6.70 -11.27
C ALA A 89 -13.12 -5.56 -10.84
N SER A 90 -13.66 -4.66 -10.00
CA SER A 90 -12.91 -3.45 -9.68
C SER A 90 -11.57 -3.76 -9.04
N TYR A 91 -11.46 -4.84 -8.27
CA TYR A 91 -10.19 -5.22 -7.61
C TYR A 91 -9.31 -6.17 -8.44
N PHE A 92 -9.80 -6.64 -9.59
CA PHE A 92 -8.97 -7.36 -10.56
C PHE A 92 -9.00 -6.54 -11.85
N PRO A 93 -8.44 -5.32 -11.85
CA PRO A 93 -8.57 -4.44 -13.04
C PRO A 93 -8.00 -5.02 -14.32
N SER A 94 -7.11 -6.00 -14.24
CA SER A 94 -6.53 -6.58 -15.46
C SER A 94 -7.54 -7.36 -16.29
N LEU A 95 -8.67 -7.76 -15.71
CA LEU A 95 -9.57 -8.71 -16.39
C LEU A 95 -10.57 -7.97 -17.29
N SER A 96 -10.58 -8.30 -18.58
CA SER A 96 -11.71 -7.89 -19.43
C SER A 96 -12.33 -9.11 -20.13
N LEU A 97 -11.98 -9.35 -21.40
CA LEU A 97 -12.31 -10.59 -22.09
C LEU A 97 -11.19 -11.59 -21.81
N GLU A 98 -11.51 -12.71 -21.14
CA GLU A 98 -10.45 -13.58 -20.65
C GLU A 98 -10.82 -15.05 -20.78
N TYR A 99 -9.80 -15.89 -20.88
CA TYR A 99 -9.93 -17.33 -21.11
C TYR A 99 -8.92 -18.06 -20.26
N LEU A 100 -9.32 -19.15 -19.59
CA LEU A 100 -8.29 -20.00 -19.01
C LEU A 100 -8.73 -21.45 -19.06
N THR A 101 -7.76 -22.35 -18.89
CA THR A 101 -8.05 -23.76 -18.66
C THR A 101 -7.44 -24.16 -17.32
N TYR A 102 -8.11 -25.04 -16.59
CA TYR A 102 -7.67 -25.36 -15.23
C TYR A 102 -7.58 -26.88 -15.03
N GLU A 103 -6.95 -27.28 -13.94
CA GLU A 103 -6.97 -28.66 -13.48
C GLU A 103 -7.36 -28.67 -12.01
N THR A 104 -8.22 -29.60 -11.62
CA THR A 104 -8.69 -29.69 -10.25
C THR A 104 -7.66 -30.43 -9.38
N LEU A 105 -7.84 -30.34 -8.06
CA LEU A 105 -6.90 -30.96 -7.15
C LEU A 105 -7.53 -32.11 -6.35
N PRO A 106 -6.73 -33.09 -5.93
CA PRO A 106 -7.26 -34.16 -5.07
C PRO A 106 -7.86 -33.57 -3.80
N THR A 107 -8.99 -34.13 -3.39
CA THR A 107 -9.74 -33.65 -2.23
C THR A 107 -9.93 -34.75 -1.21
N ASN A 108 -9.65 -34.44 0.05
CA ASN A 108 -9.99 -35.39 1.12
C ASN A 108 -11.50 -35.51 1.21
N PRO A 109 -12.05 -36.74 1.23
CA PRO A 109 -13.52 -36.88 1.20
C PRO A 109 -14.24 -36.34 2.43
N HIS A 110 -13.70 -36.55 3.64
CA HIS A 110 -14.37 -35.99 4.82
C HIS A 110 -14.42 -34.47 4.74
N LEU A 111 -13.27 -33.86 4.39
CA LEU A 111 -13.20 -32.42 4.19
C LEU A 111 -14.29 -31.95 3.23
N ALA A 112 -14.42 -32.63 2.09
CA ALA A 112 -15.36 -32.20 1.06
C ALA A 112 -16.81 -32.29 1.54
N ALA A 113 -17.15 -33.32 2.33
CA ALA A 113 -18.54 -33.51 2.78
C ALA A 113 -18.89 -32.64 3.99
N ARG A 114 -18.08 -32.68 5.04
CA ARG A 114 -18.40 -31.99 6.29
C ARG A 114 -18.26 -30.47 6.16
N TYR A 115 -17.35 -30.00 5.31
CA TYR A 115 -17.09 -28.57 5.13
C TYR A 115 -17.40 -28.15 3.69
N ALA A 116 -18.51 -28.66 3.15
CA ALA A 116 -18.84 -28.44 1.75
C ALA A 116 -19.17 -26.98 1.46
N SER A 117 -18.68 -26.51 0.31
CA SER A 117 -19.01 -25.21 -0.25
C SER A 117 -18.80 -25.30 -1.75
N PRO A 118 -19.22 -24.28 -2.51
CA PRO A 118 -18.96 -24.30 -3.96
C PRO A 118 -17.55 -23.88 -4.36
N THR A 119 -16.54 -24.30 -3.59
CA THR A 119 -15.17 -23.87 -3.80
C THR A 119 -14.46 -24.77 -4.79
N MET A 120 -13.65 -24.17 -5.67
CA MET A 120 -12.88 -24.90 -6.66
C MET A 120 -11.42 -24.48 -6.57
N PRO A 121 -10.64 -25.12 -5.72
CA PRO A 121 -9.19 -24.86 -5.72
C PRO A 121 -8.57 -25.55 -6.92
N VAL A 122 -7.99 -24.77 -7.83
CA VAL A 122 -7.55 -25.30 -9.12
C VAL A 122 -6.18 -24.71 -9.46
N ASN A 123 -5.50 -25.36 -10.40
CA ASN A 123 -4.29 -24.81 -11.01
C ASN A 123 -4.62 -24.27 -12.39
N ILE A 124 -4.16 -23.06 -12.69
CA ILE A 124 -4.29 -22.53 -14.04
C ILE A 124 -3.27 -23.21 -14.94
N ILE A 125 -3.73 -23.82 -16.02
CA ILE A 125 -2.81 -24.45 -16.97
C ILE A 125 -2.37 -23.47 -18.05
N ALA A 126 -3.34 -22.80 -18.67
CA ALA A 126 -3.11 -21.79 -19.69
C ALA A 126 -4.13 -20.68 -19.50
N SER A 127 -3.78 -19.48 -19.92
CA SER A 127 -4.66 -18.34 -19.70
C SER A 127 -4.31 -17.17 -20.60
N SER A 128 -5.31 -16.33 -20.85
CA SER A 128 -5.15 -15.03 -21.47
C SER A 128 -4.43 -14.06 -20.52
N LYS A 129 -4.08 -12.89 -21.06
CA LYS A 129 -3.12 -12.02 -20.36
C LYS A 129 -3.68 -11.49 -19.03
N GLY A 130 -4.98 -11.22 -18.97
CA GLY A 130 -5.53 -10.62 -17.74
C GLY A 130 -5.36 -11.52 -16.53
N PHE A 131 -5.51 -12.84 -16.72
CA PHE A 131 -5.34 -13.84 -15.66
C PHE A 131 -3.89 -14.03 -15.25
N GLN A 132 -2.94 -13.49 -16.00
CA GLN A 132 -1.52 -13.64 -15.69
C GLN A 132 -1.01 -12.64 -14.66
N SER A 133 -1.80 -11.59 -14.38
CA SER A 133 -1.47 -10.66 -13.31
C SER A 133 -1.41 -11.36 -11.95
N ARG A 134 -0.37 -11.05 -11.17
CA ARG A 134 -0.26 -11.66 -9.85
C ARG A 134 -1.34 -11.19 -8.89
N VAL A 135 -2.06 -10.12 -9.24
CA VAL A 135 -3.16 -9.65 -8.42
C VAL A 135 -4.31 -10.66 -8.42
N VAL A 136 -4.51 -11.39 -9.52
CA VAL A 136 -5.72 -12.18 -9.73
C VAL A 136 -5.48 -13.56 -9.12
N VAL A 137 -5.93 -13.76 -7.88
CA VAL A 137 -5.70 -15.02 -7.17
C VAL A 137 -6.93 -15.89 -7.09
N ALA A 138 -8.06 -15.39 -7.58
CA ALA A 138 -9.34 -16.08 -7.43
C ALA A 138 -10.26 -15.57 -8.52
N LEU A 139 -11.44 -16.16 -8.63
CA LEU A 139 -12.43 -15.68 -9.58
C LEU A 139 -13.80 -15.93 -8.97
N PHE A 140 -14.57 -14.85 -8.78
CA PHE A 140 -15.87 -14.91 -8.16
C PHE A 140 -16.98 -14.70 -9.19
N PRO A 141 -18.18 -15.23 -8.93
CA PRO A 141 -19.26 -15.14 -9.94
C PRO A 141 -19.68 -13.71 -10.25
N GLU A 142 -19.70 -12.85 -9.25
CA GLU A 142 -20.06 -11.47 -9.53
C GLU A 142 -18.98 -10.72 -10.30
N ASN A 143 -17.83 -11.35 -10.60
CA ASN A 143 -16.82 -10.71 -11.44
C ASN A 143 -17.20 -10.67 -12.91
N HIS A 144 -18.11 -11.55 -13.35
CA HIS A 144 -18.66 -11.46 -14.69
C HIS A 144 -19.40 -10.13 -14.82
N ILE A 145 -19.56 -9.64 -16.06
CA ILE A 145 -20.17 -8.31 -16.21
C ILE A 145 -21.58 -8.23 -15.61
N ASP A 146 -22.30 -9.36 -15.48
CA ASP A 146 -23.64 -9.25 -14.89
C ASP A 146 -23.61 -8.96 -13.39
N GLY A 147 -22.48 -9.16 -12.71
CA GLY A 147 -22.40 -8.82 -11.29
C GLY A 147 -23.25 -9.64 -10.35
N ILE A 148 -23.77 -10.78 -10.79
CA ILE A 148 -24.61 -11.65 -9.98
C ILE A 148 -23.76 -12.71 -9.28
N GLN A 149 -24.06 -12.96 -8.00
CA GLN A 149 -23.55 -14.12 -7.28
C GLN A 149 -24.72 -14.87 -6.68
N ARG A 150 -24.82 -16.16 -6.96
CA ARG A 150 -25.80 -17.00 -6.30
C ARG A 150 -25.07 -17.96 -5.36
N GLY A 151 -25.78 -18.40 -4.32
CA GLY A 151 -25.16 -19.18 -3.28
C GLY A 151 -24.51 -20.47 -3.75
N ASP A 152 -24.93 -21.00 -4.89
CA ASP A 152 -24.35 -22.25 -5.40
C ASP A 152 -23.45 -22.06 -6.62
N ASP A 153 -23.14 -20.82 -7.01
CA ASP A 153 -22.15 -20.59 -8.07
C ASP A 153 -20.76 -21.04 -7.61
N LEU A 154 -20.02 -21.67 -8.51
CA LEU A 154 -18.64 -22.05 -8.18
C LEU A 154 -17.75 -20.82 -8.02
N ILE A 155 -16.88 -20.88 -7.01
CA ILE A 155 -15.86 -19.87 -6.77
C ILE A 155 -14.50 -20.54 -6.97
N PHE A 156 -13.64 -19.94 -7.80
CA PHE A 156 -12.31 -20.52 -8.07
C PHE A 156 -11.21 -19.82 -7.26
N ALA A 157 -10.27 -20.61 -6.78
CA ALA A 157 -9.06 -20.10 -6.16
C ALA A 157 -7.90 -20.69 -6.95
N PHE A 158 -6.94 -19.85 -7.32
CA PHE A 158 -5.83 -20.33 -8.16
C PHE A 158 -4.65 -20.73 -7.27
N ILE A 159 -4.63 -22.01 -6.89
CA ILE A 159 -3.66 -22.53 -5.92
C ILE A 159 -2.23 -22.33 -6.41
N ASN A 160 -1.99 -22.42 -7.73
CA ASN A 160 -0.61 -22.25 -8.19
C ASN A 160 -0.05 -20.88 -7.82
N LYS A 161 -0.90 -19.84 -7.79
CA LYS A 161 -0.45 -18.51 -7.40
C LYS A 161 -0.14 -18.43 -5.91
N PHE A 162 -0.86 -19.20 -5.09
CA PHE A 162 -0.59 -19.22 -3.66
C PHE A 162 0.66 -20.04 -3.35
N VAL A 163 0.90 -21.11 -4.13
CA VAL A 163 2.15 -21.85 -3.99
C VAL A 163 3.33 -20.94 -4.34
N GLU A 164 3.18 -20.13 -5.40
CA GLU A 164 4.23 -19.20 -5.82
C GLU A 164 4.54 -18.18 -4.73
N ARG A 165 3.50 -17.62 -4.10
CA ARG A 165 3.68 -16.62 -3.05
C ARG A 165 4.32 -17.23 -1.82
N HIS A 166 3.97 -18.48 -1.51
CA HIS A 166 4.56 -19.13 -0.35
C HIS A 166 6.03 -19.39 -0.57
N ASN A 167 6.39 -19.78 -1.80
CA ASN A 167 7.80 -20.00 -2.16
C ASN A 167 8.59 -18.69 -2.13
N ARG A 168 8.03 -17.61 -2.67
CA ARG A 168 8.78 -16.38 -2.82
C ARG A 168 8.87 -15.58 -1.52
N ILE A 169 7.88 -15.67 -0.64
CA ILE A 169 7.79 -14.79 0.53
C ILE A 169 7.74 -15.59 1.83
N THR A 170 6.80 -16.52 1.96
CA THR A 170 6.62 -17.19 3.24
C THR A 170 7.86 -17.99 3.67
N ARG A 171 8.47 -18.76 2.75
CA ARG A 171 9.62 -19.57 3.15
C ARG A 171 10.76 -18.68 3.66
N LYS A 172 11.09 -17.64 2.91
CA LYS A 172 12.10 -16.67 3.32
C LYS A 172 11.80 -16.10 4.71
N MET A 173 10.52 -15.79 4.97
CA MET A 173 10.14 -15.23 6.26
C MET A 173 10.21 -16.27 7.37
N ILE A 174 9.88 -17.54 7.08
CA ILE A 174 10.03 -18.55 8.11
C ILE A 174 11.48 -18.61 8.58
N ASP A 175 12.41 -18.64 7.62
CA ASP A 175 13.83 -18.76 7.95
C ASP A 175 14.33 -17.58 8.76
N ALA A 176 13.82 -16.38 8.49
CA ALA A 176 14.32 -15.16 9.12
C ALA A 176 13.65 -14.83 10.45
N VAL A 177 12.40 -15.25 10.67
CA VAL A 177 11.59 -14.64 11.72
C VAL A 177 11.19 -15.67 12.80
N MET A 178 11.12 -16.94 12.45
CA MET A 178 10.64 -17.98 13.36
C MET A 178 11.81 -18.68 14.05
N ALA A 179 11.57 -19.11 15.28
CA ALA A 179 12.50 -20.01 15.97
C ALA A 179 12.67 -21.29 15.16
N GLU A 180 13.87 -21.83 15.13
CA GLU A 180 14.10 -23.02 14.32
C GLU A 180 13.24 -24.17 14.84
N GLY A 181 12.73 -24.97 13.90
CA GLY A 181 11.79 -26.03 14.19
C GLY A 181 10.35 -25.61 14.28
N SER A 182 10.01 -24.36 13.96
CA SER A 182 8.65 -23.88 14.20
C SER A 182 7.62 -24.58 13.30
N PHE A 183 7.96 -24.79 12.03
CA PHE A 183 7.04 -25.38 11.06
C PHE A 183 7.75 -26.56 10.39
N PRO A 184 7.87 -27.69 11.10
CA PRO A 184 8.73 -28.77 10.59
C PRO A 184 8.15 -29.50 9.39
N LEU A 185 6.83 -29.63 9.27
CA LEU A 185 6.29 -30.31 8.10
C LEU A 185 6.47 -29.48 6.84
N LEU A 186 6.50 -28.15 6.97
CA LEU A 186 6.65 -27.29 5.80
C LEU A 186 8.10 -27.14 5.37
N ARG A 187 9.05 -27.43 6.27
CA ARG A 187 10.47 -27.31 5.97
C ARG A 187 10.84 -28.18 4.78
N GLY A 188 11.30 -27.55 3.71
CA GLY A 188 11.71 -28.27 2.52
C GLY A 188 10.61 -29.00 1.78
N ALA A 189 9.34 -28.73 2.10
CA ALA A 189 8.24 -29.37 1.39
C ALA A 189 8.27 -28.98 -0.08
N ASP A 190 7.87 -29.92 -0.94
CA ASP A 190 7.83 -29.63 -2.37
C ASP A 190 6.51 -28.98 -2.73
N ASP A 191 6.41 -28.55 -3.98
CA ASP A 191 5.23 -27.81 -4.39
C ASP A 191 3.96 -28.66 -4.25
N ARG A 192 4.02 -29.95 -4.58
CA ARG A 192 2.83 -30.79 -4.43
C ARG A 192 2.30 -30.77 -3.00
N THR A 193 3.20 -30.68 -2.01
CA THR A 193 2.78 -30.68 -0.61
C THR A 193 2.15 -29.35 -0.20
N VAL A 194 2.75 -28.23 -0.61
CA VAL A 194 2.18 -26.91 -0.31
C VAL A 194 0.85 -26.76 -1.03
N GLU A 195 0.77 -27.23 -2.28
CA GLU A 195 -0.47 -27.29 -3.03
C GLU A 195 -1.60 -27.95 -2.24
N GLN A 196 -1.32 -29.12 -1.63
CA GLN A 196 -2.33 -29.78 -0.79
C GLN A 196 -2.75 -28.90 0.37
N ALA A 197 -1.80 -28.32 1.11
CA ALA A 197 -2.18 -27.54 2.27
C ALA A 197 -3.01 -26.33 1.84
N SER A 198 -2.56 -25.65 0.79
CA SER A 198 -3.23 -24.45 0.33
C SER A 198 -4.65 -24.78 -0.14
N SER A 199 -4.83 -25.94 -0.78
CA SER A 199 -6.19 -26.34 -1.17
C SER A 199 -7.06 -26.60 0.05
N TRP A 200 -6.50 -27.23 1.10
CA TRP A 200 -7.23 -27.38 2.36
C TRP A 200 -7.57 -26.01 2.94
N TRP A 201 -6.60 -25.10 2.97
CA TRP A 201 -6.84 -23.75 3.46
C TRP A 201 -8.07 -23.14 2.78
N VAL A 202 -8.11 -23.14 1.44
CA VAL A 202 -9.18 -22.41 0.77
C VAL A 202 -10.52 -23.09 1.02
N ARG A 203 -10.54 -24.42 1.07
CA ARG A 203 -11.81 -25.11 1.32
C ARG A 203 -12.37 -24.74 2.69
N LEU A 204 -11.53 -24.76 3.72
CA LEU A 204 -12.01 -24.41 5.06
C LEU A 204 -12.41 -22.94 5.13
N HIS A 205 -11.61 -22.10 4.47
CA HIS A 205 -11.82 -20.66 4.43
C HIS A 205 -13.20 -20.30 3.92
N GLU A 206 -13.55 -20.80 2.72
CA GLU A 206 -14.84 -20.45 2.11
C GLU A 206 -15.99 -20.97 2.94
N TYR A 207 -15.89 -22.23 3.39
CA TYR A 207 -16.91 -22.78 4.26
C TYR A 207 -17.18 -21.85 5.45
N HIS A 208 -16.13 -21.44 6.17
CA HIS A 208 -16.37 -20.68 7.39
C HIS A 208 -16.84 -19.25 7.14
N HIS A 209 -16.58 -18.65 5.97
CA HIS A 209 -17.18 -17.35 5.65
C HIS A 209 -18.69 -17.39 5.78
N ARG A 210 -19.30 -18.52 5.49
CA ARG A 210 -20.75 -18.67 5.48
C ARG A 210 -21.32 -19.10 6.83
N GLN A 211 -20.47 -19.30 7.84
CA GLN A 211 -20.90 -19.71 9.17
C GLN A 211 -20.78 -18.54 10.14
N GLY A 212 -21.43 -18.68 11.30
CA GLY A 212 -21.35 -17.68 12.35
C GLY A 212 -22.59 -16.81 12.40
N ASP A 213 -22.53 -15.81 13.28
CA ASP A 213 -23.66 -14.90 13.48
C ASP A 213 -23.67 -13.71 12.53
N MET A 214 -22.59 -13.44 11.80
CA MET A 214 -22.62 -12.41 10.76
C MET A 214 -21.93 -12.91 9.49
N PRO A 215 -22.41 -14.00 8.90
CA PRO A 215 -21.76 -14.57 7.72
C PRO A 215 -21.78 -13.59 6.55
N ILE A 216 -20.95 -13.88 5.55
CA ILE A 216 -21.01 -13.13 4.30
C ILE A 216 -21.50 -14.09 3.22
N PRO A 217 -22.21 -13.60 2.18
CA PRO A 217 -22.44 -12.19 1.84
C PRO A 217 -23.54 -11.44 2.63
N GLU A 218 -24.31 -12.09 3.49
CA GLU A 218 -25.41 -11.39 4.17
C GLU A 218 -24.92 -10.12 4.85
N PHE A 219 -23.80 -10.18 5.56
CA PHE A 219 -23.28 -9.02 6.27
C PHE A 219 -22.08 -8.39 5.58
N LEU A 220 -21.95 -8.61 4.26
CA LEU A 220 -20.81 -8.08 3.51
C LEU A 220 -20.62 -6.58 3.69
N ARG A 221 -21.71 -5.79 3.59
CA ARG A 221 -21.49 -4.35 3.55
C ARG A 221 -21.12 -3.74 4.91
N TYR A 222 -21.14 -4.54 5.98
CA TYR A 222 -20.65 -4.11 7.28
C TYR A 222 -19.21 -4.52 7.51
N LYS A 223 -18.65 -5.36 6.63
CA LYS A 223 -17.34 -5.94 6.81
C LYS A 223 -16.41 -5.51 5.67
N LYS A 224 -16.57 -4.28 5.16
CA LYS A 224 -15.68 -3.79 4.11
C LYS A 224 -14.68 -2.74 4.55
N LEU A 225 -14.89 -2.09 5.69
CA LEU A 225 -13.86 -1.23 6.25
C LEU A 225 -12.59 -2.04 6.47
N LYS A 226 -11.43 -1.46 6.12
CA LYS A 226 -10.16 -2.17 6.10
C LYS A 226 -9.98 -3.09 7.33
N PRO A 227 -10.05 -2.57 8.56
CA PRO A 227 -9.84 -3.47 9.70
C PRO A 227 -10.90 -4.57 9.78
N LEU A 228 -12.10 -4.31 9.27
CA LEU A 228 -13.16 -5.31 9.40
C LEU A 228 -13.06 -6.37 8.31
N ALA A 229 -12.72 -5.97 7.08
CA ALA A 229 -12.52 -6.96 6.03
C ALA A 229 -11.41 -7.93 6.40
N GLY A 230 -10.33 -7.40 6.99
CA GLY A 230 -9.25 -8.25 7.44
C GLY A 230 -9.64 -9.13 8.62
N LEU A 231 -10.38 -8.57 9.57
CA LEU A 231 -10.79 -9.37 10.71
C LEU A 231 -11.65 -10.55 10.25
N GLU A 232 -12.48 -10.34 9.22
CA GLU A 232 -13.32 -11.42 8.70
C GLU A 232 -12.48 -12.52 8.06
N GLU A 233 -11.46 -12.15 7.29
CA GLU A 233 -10.55 -13.16 6.75
C GLU A 233 -9.90 -13.93 7.88
N LEU A 234 -9.51 -13.21 8.94
CA LEU A 234 -8.81 -13.84 10.06
C LEU A 234 -9.73 -14.76 10.84
N ARG A 235 -10.98 -14.33 11.06
CA ARG A 235 -11.95 -15.17 11.73
C ARG A 235 -12.05 -16.54 11.06
N VAL A 236 -12.15 -16.56 9.73
CA VAL A 236 -12.35 -17.86 9.08
C VAL A 236 -11.06 -18.65 9.05
N ASP A 237 -9.92 -17.98 9.02
CA ASP A 237 -8.67 -18.74 8.99
C ASP A 237 -8.34 -19.32 10.36
N VAL A 238 -8.66 -18.63 11.45
CA VAL A 238 -8.48 -19.23 12.76
C VAL A 238 -9.44 -20.40 12.94
N SER A 239 -10.69 -20.23 12.49
CA SER A 239 -11.62 -21.36 12.45
C SER A 239 -11.04 -22.54 11.69
N GLY A 240 -10.35 -22.27 10.58
CA GLY A 240 -9.71 -23.32 9.82
C GLY A 240 -8.58 -23.99 10.57
N MET A 241 -7.68 -23.18 11.18
CA MET A 241 -6.64 -23.76 12.03
C MET A 241 -7.23 -24.71 13.06
N LEU A 242 -8.31 -24.30 13.74
CA LEU A 242 -8.83 -25.09 14.85
C LEU A 242 -9.46 -26.39 14.34
N VAL A 243 -10.12 -26.35 13.18
CA VAL A 243 -10.61 -27.58 12.56
C VAL A 243 -9.46 -28.56 12.32
N CYS A 244 -8.34 -28.06 11.78
CA CYS A 244 -7.20 -28.93 11.52
C CYS A 244 -6.65 -29.52 12.82
N LEU A 245 -6.80 -28.79 13.93
CA LEU A 245 -6.29 -29.27 15.20
C LEU A 245 -7.27 -30.22 15.88
N ASN A 246 -8.57 -30.06 15.65
CA ASN A 246 -9.58 -30.70 16.51
C ASN A 246 -10.42 -31.76 15.81
N ASP A 247 -10.58 -31.72 14.49
CA ASP A 247 -11.45 -32.68 13.82
C ASP A 247 -10.72 -34.00 13.62
N PRO A 248 -11.07 -35.05 14.37
CA PRO A 248 -10.30 -36.29 14.31
C PRO A 248 -10.54 -37.11 13.06
N GLU A 249 -11.48 -36.70 12.21
CA GLU A 249 -11.79 -37.48 11.03
C GLU A 249 -10.95 -37.05 9.84
N LEU A 250 -10.15 -36.00 10.00
CA LEU A 250 -9.17 -35.60 9.03
C LEU A 250 -7.87 -36.38 9.23
N PRO A 251 -7.22 -36.86 8.16
CA PRO A 251 -5.93 -37.53 8.34
C PRO A 251 -4.94 -36.62 9.07
N ALA A 252 -4.28 -37.19 10.08
CA ALA A 252 -3.52 -36.40 11.04
C ALA A 252 -2.36 -35.67 10.38
N ASP A 253 -1.60 -36.35 9.53
CA ASP A 253 -0.44 -35.74 8.88
C ASP A 253 -0.86 -34.62 7.92
N GLU A 254 -1.91 -34.86 7.13
CA GLU A 254 -2.42 -33.84 6.21
C GLU A 254 -3.00 -32.65 6.98
N ALA A 255 -3.70 -32.91 8.07
CA ALA A 255 -4.29 -31.82 8.85
C ALA A 255 -3.22 -30.95 9.50
N ARG A 256 -2.15 -31.56 10.03
CA ARG A 256 -1.14 -30.75 10.70
C ARG A 256 -0.38 -29.91 9.67
N LEU A 257 -0.20 -30.44 8.46
CA LEU A 257 0.45 -29.68 7.41
C LEU A 257 -0.40 -28.47 7.02
N ALA A 258 -1.71 -28.67 6.86
CA ALA A 258 -2.62 -27.55 6.59
C ALA A 258 -2.59 -26.53 7.72
N TYR A 259 -2.58 -27.01 8.96
CA TYR A 259 -2.42 -26.12 10.12
C TYR A 259 -1.16 -25.25 9.99
N GLU A 260 -0.01 -25.89 9.75
CA GLU A 260 1.24 -25.15 9.60
C GLU A 260 1.13 -24.09 8.50
N TYR A 261 0.43 -24.43 7.40
CA TYR A 261 0.35 -23.51 6.28
C TYR A 261 -0.47 -22.29 6.63
N ILE A 262 -1.68 -22.49 7.20
CA ILE A 262 -2.54 -21.36 7.54
C ILE A 262 -1.87 -20.47 8.57
N LEU A 263 -1.25 -21.09 9.59
CA LEU A 263 -0.63 -20.32 10.65
C LEU A 263 0.56 -19.52 10.13
N SER A 264 1.44 -20.15 9.34
CA SER A 264 2.60 -19.45 8.80
C SER A 264 2.18 -18.34 7.83
N GLU A 265 1.16 -18.59 7.00
CA GLU A 265 0.71 -17.53 6.10
C GLU A 265 0.18 -16.34 6.90
N ARG A 266 -0.61 -16.62 7.94
CA ARG A 266 -1.27 -15.51 8.67
C ARG A 266 -0.26 -14.79 9.56
N LEU A 267 0.69 -15.52 10.13
CA LEU A 267 1.62 -14.90 11.05
C LEU A 267 2.73 -14.13 10.33
N LEU A 268 2.99 -14.45 9.05
CA LEU A 268 4.12 -13.89 8.32
C LEU A 268 3.70 -13.21 7.03
N ARG A 269 3.28 -13.96 6.01
CA ARG A 269 3.11 -13.37 4.68
C ARG A 269 2.06 -12.27 4.69
N TYR A 270 0.89 -12.56 5.29
CA TYR A 270 -0.17 -11.57 5.33
C TYR A 270 0.20 -10.39 6.23
N ALA A 271 1.02 -10.64 7.26
CA ALA A 271 1.34 -9.60 8.22
C ALA A 271 2.15 -8.45 7.62
N VAL A 272 2.80 -8.65 6.47
CA VAL A 272 3.64 -7.62 5.85
C VAL A 272 3.02 -7.04 4.59
N GLU A 273 1.81 -7.47 4.20
CA GLU A 273 1.21 -6.95 2.98
C GLU A 273 0.87 -5.46 3.08
N GLY A 274 1.17 -4.74 1.99
CA GLY A 274 0.79 -3.34 1.85
C GLY A 274 1.94 -2.37 2.02
N ILE A 275 2.07 -1.43 1.08
CA ILE A 275 3.03 -0.32 1.15
C ILE A 275 2.31 0.98 0.80
N PRO A 276 2.51 2.08 1.53
CA PRO A 276 3.27 2.24 2.78
C PRO A 276 2.52 1.71 4.00
N ARG A 277 1.20 1.57 3.92
CA ARG A 277 0.45 1.14 5.07
C ARG A 277 0.02 -0.32 4.91
N PRO A 278 -0.27 -1.02 6.02
CA PRO A 278 -0.83 -2.37 5.91
C PRO A 278 -2.14 -2.39 5.12
N ASN A 279 -2.34 -3.46 4.35
CA ASN A 279 -3.65 -3.67 3.74
C ASN A 279 -4.57 -4.30 4.78
N TYR A 280 -5.80 -4.66 4.37
CA TYR A 280 -6.77 -5.20 5.33
C TYR A 280 -6.27 -6.49 5.96
N ASP A 281 -5.65 -7.37 5.17
CA ASP A 281 -5.13 -8.61 5.74
C ASP A 281 -4.03 -8.34 6.77
N ALA A 282 -3.11 -7.42 6.47
CA ALA A 282 -2.00 -7.16 7.38
C ALA A 282 -2.49 -6.60 8.70
N VAL A 283 -3.52 -5.74 8.66
CA VAL A 283 -4.04 -5.17 9.90
C VAL A 283 -4.53 -6.27 10.82
N ALA A 284 -5.24 -7.25 10.26
CA ALA A 284 -5.78 -8.33 11.09
C ALA A 284 -4.69 -9.29 11.55
N SER A 285 -3.69 -9.55 10.71
CA SER A 285 -2.54 -10.36 11.13
C SER A 285 -1.75 -9.70 12.25
N GLN A 286 -1.64 -8.37 12.21
CA GLN A 286 -0.91 -7.71 13.30
C GLN A 286 -1.75 -7.70 14.57
N LEU A 287 -3.08 -7.61 14.45
CA LEU A 287 -3.98 -7.90 15.58
C LEU A 287 -3.71 -9.29 16.15
N LEU A 288 -3.69 -10.30 15.30
CA LEU A 288 -3.37 -11.66 15.76
C LEU A 288 -2.02 -11.71 16.46
N PHE A 289 -0.99 -11.14 15.82
CA PHE A 289 0.35 -11.16 16.38
C PHE A 289 0.39 -10.57 17.79
N ASN A 290 -0.14 -9.35 17.96
CA ASN A 290 -0.09 -8.69 19.26
C ASN A 290 -0.99 -9.40 20.28
N TYR A 291 -2.17 -9.87 19.85
CA TYR A 291 -3.02 -10.63 20.77
C TYR A 291 -2.31 -11.89 21.26
N LEU A 292 -1.69 -12.64 20.36
CA LEU A 292 -1.01 -13.86 20.79
C LEU A 292 0.19 -13.54 21.69
N SER A 293 0.94 -12.47 21.40
CA SER A 293 2.06 -12.11 22.27
C SER A 293 1.58 -11.75 23.66
N GLU A 294 0.49 -10.97 23.75
CA GLU A 294 0.02 -10.48 25.04
C GLU A 294 -0.69 -11.55 25.85
N HIS A 295 -1.18 -12.61 25.22
CA HIS A 295 -1.99 -13.61 25.90
C HIS A 295 -1.30 -14.97 25.98
N GLY A 296 -0.02 -15.05 25.68
CA GLY A 296 0.73 -16.27 25.95
C GLY A 296 0.70 -17.33 24.87
N GLY A 297 0.31 -16.97 23.64
CA GLY A 297 0.31 -17.94 22.57
C GLY A 297 1.62 -18.02 21.80
N ILE A 298 2.34 -16.90 21.72
CA ILE A 298 3.67 -16.83 21.14
C ILE A 298 4.54 -16.02 22.08
N GLU A 299 5.86 -16.16 21.94
CA GLU A 299 6.85 -15.39 22.68
C GLU A 299 7.89 -14.84 21.71
N LEU A 300 8.43 -13.68 22.01
CA LEU A 300 9.50 -13.09 21.21
C LEU A 300 10.80 -13.13 22.00
N HIS A 301 11.81 -13.73 21.41
CA HIS A 301 13.12 -13.88 22.04
C HIS A 301 14.14 -13.39 21.02
N GLY A 302 14.68 -12.20 21.26
CA GLY A 302 15.61 -11.62 20.32
C GLY A 302 15.03 -11.44 18.94
N GLY A 303 13.78 -10.95 18.86
CA GLY A 303 13.13 -10.70 17.59
C GLY A 303 12.76 -11.93 16.78
N VAL A 304 12.84 -13.12 17.36
CA VAL A 304 12.45 -14.36 16.69
C VAL A 304 11.21 -14.95 17.39
N ILE A 305 10.27 -15.46 16.61
CA ILE A 305 8.97 -15.88 17.13
C ILE A 305 9.04 -17.32 17.61
N ARG A 306 8.68 -17.55 18.87
CA ARG A 306 8.45 -18.89 19.40
C ARG A 306 6.94 -19.16 19.50
N LEU A 307 6.49 -20.26 18.90
CA LEU A 307 5.12 -20.73 19.07
C LEU A 307 5.00 -21.46 20.41
N CYS A 308 4.14 -20.98 21.30
CA CYS A 308 4.06 -21.66 22.58
C CYS A 308 3.28 -22.96 22.49
N PRO A 309 3.60 -23.94 23.33
CA PRO A 309 2.78 -25.17 23.38
C PRO A 309 1.31 -24.90 23.65
N GLU A 310 1.00 -23.83 24.37
CA GLU A 310 -0.36 -23.42 24.68
C GLU A 310 -1.09 -22.74 23.53
N LEU A 311 -0.45 -22.55 22.38
CA LEU A 311 -1.06 -21.77 21.31
C LEU A 311 -2.45 -22.26 20.89
N PRO A 312 -2.71 -23.56 20.81
CA PRO A 312 -4.10 -23.97 20.48
C PRO A 312 -5.14 -23.40 21.43
N ALA A 313 -4.89 -23.39 22.74
CA ALA A 313 -5.85 -22.79 23.66
C ALA A 313 -5.99 -21.28 23.46
N VAL A 314 -4.90 -20.60 23.09
CA VAL A 314 -5.02 -19.15 22.95
C VAL A 314 -5.74 -18.80 21.64
N LEU A 315 -5.55 -19.62 20.59
CA LEU A 315 -6.33 -19.48 19.36
C LEU A 315 -7.82 -19.68 19.62
N THR A 316 -8.17 -20.66 20.44
CA THR A 316 -9.59 -20.91 20.76
C THR A 316 -10.15 -19.69 21.49
N GLU A 317 -9.36 -19.14 22.40
CA GLU A 317 -9.80 -17.98 23.16
C GLU A 317 -9.97 -16.77 22.24
N PHE A 318 -9.10 -16.64 21.24
CA PHE A 318 -9.19 -15.51 20.30
C PHE A 318 -10.44 -15.64 19.42
N LEU A 319 -10.69 -16.83 18.87
CA LEU A 319 -11.91 -17.03 18.10
C LEU A 319 -13.16 -16.89 18.98
N ASP A 320 -13.11 -17.42 20.21
CA ASP A 320 -14.24 -17.21 21.12
C ASP A 320 -14.53 -15.74 21.30
N ARG A 321 -13.49 -14.91 21.36
CA ARG A 321 -13.69 -13.48 21.61
C ARG A 321 -14.34 -12.81 20.41
N ILE A 322 -13.88 -13.12 19.20
CA ILE A 322 -14.56 -12.60 18.01
C ILE A 322 -16.02 -13.01 18.02
N GLN A 323 -16.30 -14.26 18.38
CA GLN A 323 -17.65 -14.76 18.30
C GLN A 323 -18.56 -14.10 19.35
N ARG A 324 -18.02 -13.76 20.52
CA ARG A 324 -18.82 -13.04 21.52
C ARG A 324 -19.19 -11.65 21.03
N ILE A 325 -18.27 -11.00 20.31
CA ILE A 325 -18.58 -9.68 19.77
C ILE A 325 -19.66 -9.81 18.70
N GLU A 326 -19.49 -10.77 17.77
CA GLU A 326 -20.47 -10.94 16.69
C GLU A 326 -21.82 -11.42 17.20
N GLN A 327 -21.83 -12.16 18.31
CA GLN A 327 -23.08 -12.70 18.82
C GLN A 327 -24.07 -11.59 19.19
N ARG A 328 -23.57 -10.41 19.58
CA ARG A 328 -24.48 -9.35 20.00
C ARG A 328 -25.28 -8.77 18.82
N ILE A 329 -25.05 -9.26 17.59
CA ILE A 329 -25.94 -8.90 16.47
C ILE A 329 -27.39 -9.18 16.82
N HIS A 330 -27.63 -10.14 17.71
CA HIS A 330 -28.99 -10.54 18.05
C HIS A 330 -29.69 -9.56 18.99
N THR A 331 -28.94 -8.68 19.67
CA THR A 331 -29.52 -7.73 20.61
C THR A 331 -29.11 -6.29 20.35
N THR A 332 -28.22 -6.05 19.38
CA THR A 332 -27.78 -4.69 19.07
C THR A 332 -27.72 -4.56 17.55
N SER A 333 -27.39 -3.37 17.08
CA SER A 333 -27.34 -3.12 15.65
C SER A 333 -26.02 -3.60 15.05
N ALA A 334 -26.03 -3.86 13.73
CA ALA A 334 -24.79 -4.19 13.05
C ALA A 334 -23.78 -3.07 13.22
N GLU A 335 -24.25 -1.81 13.28
CA GLU A 335 -23.35 -0.68 13.47
C GLU A 335 -22.73 -0.69 14.86
N GLU A 336 -23.45 -1.20 15.85
CA GLU A 336 -22.88 -1.29 17.19
C GLU A 336 -21.85 -2.42 17.26
N VAL A 337 -22.13 -3.54 16.60
CA VAL A 337 -21.16 -4.63 16.52
C VAL A 337 -19.89 -4.16 15.81
N GLN A 338 -20.04 -3.39 14.72
CA GLN A 338 -18.87 -2.86 14.02
C GLN A 338 -17.96 -2.07 14.95
N GLN A 339 -18.54 -1.19 15.76
CA GLN A 339 -17.70 -0.36 16.63
C GLN A 339 -16.97 -1.22 17.65
N ASN A 340 -17.59 -2.31 18.10
CA ASN A 340 -16.92 -3.18 19.06
C ASN A 340 -15.88 -4.07 18.39
N LEU A 341 -16.04 -4.39 17.11
CA LEU A 341 -14.98 -5.07 16.37
C LEU A 341 -13.80 -4.12 16.11
N LEU A 342 -14.10 -2.85 15.82
CA LEU A 342 -13.04 -1.85 15.64
C LEU A 342 -12.29 -1.62 16.95
N GLU A 343 -13.01 -1.55 18.05
CA GLU A 343 -12.36 -1.30 19.34
C GLU A 343 -11.42 -2.45 19.69
N PHE A 344 -11.88 -3.69 19.51
CA PHE A 344 -11.03 -4.86 19.69
C PHE A 344 -9.80 -4.79 18.79
N THR A 345 -10.01 -4.51 17.49
CA THR A 345 -8.89 -4.43 16.56
C THR A 345 -7.88 -3.37 17.00
N ASN A 346 -8.37 -2.17 17.35
CA ASN A 346 -7.45 -1.08 17.64
C ASN A 346 -6.67 -1.28 18.93
N ARG A 347 -7.17 -2.12 19.86
CA ARG A 347 -6.39 -2.42 21.05
C ARG A 347 -5.06 -3.10 20.70
N TYR A 348 -5.00 -3.77 19.56
CA TYR A 348 -3.86 -4.64 19.25
C TYR A 348 -3.14 -4.24 17.97
N THR A 349 -3.44 -3.06 17.40
CA THR A 349 -2.83 -2.61 16.17
C THR A 349 -2.39 -1.16 16.34
N ASP A 350 -1.68 -0.63 15.34
CA ASP A 350 -1.18 0.75 15.39
C ASP A 350 -2.12 1.65 14.59
N TYR A 351 -3.17 2.14 15.28
CA TYR A 351 -4.22 2.94 14.69
C TYR A 351 -3.92 4.43 14.91
N ASP A 352 -3.86 5.19 13.81
CA ASP A 352 -3.68 6.63 13.89
C ASP A 352 -5.05 7.27 13.85
N PRO A 353 -5.55 7.82 14.97
CA PRO A 353 -6.93 8.34 14.98
C PRO A 353 -7.12 9.58 14.11
N ASP A 354 -6.08 10.38 13.89
CA ASP A 354 -6.22 11.56 13.05
C ASP A 354 -6.31 11.18 11.57
N ALA A 355 -5.41 10.31 11.12
CA ALA A 355 -5.48 9.80 9.75
C ALA A 355 -6.63 8.82 9.56
N LYS A 356 -7.16 8.24 10.64
CA LYS A 356 -8.17 7.19 10.56
C LYS A 356 -7.66 6.02 9.71
N ASP A 357 -6.42 5.62 9.97
CA ASP A 357 -5.82 4.52 9.23
C ASP A 357 -4.73 3.93 10.10
N TYR A 358 -4.02 2.93 9.56
CA TYR A 358 -3.14 2.08 10.34
C TYR A 358 -1.72 2.17 9.79
N ARG A 359 -0.75 2.03 10.69
CA ARG A 359 0.65 1.86 10.36
C ARG A 359 1.08 0.42 10.65
N HIS A 360 2.04 -0.07 9.87
CA HIS A 360 2.66 -1.35 10.20
C HIS A 360 3.28 -1.26 11.59
N ILE A 361 2.95 -2.20 12.46
CA ILE A 361 3.53 -2.20 13.81
C ILE A 361 5.04 -2.35 13.67
N PRO A 362 5.82 -1.83 14.62
CA PRO A 362 7.29 -1.79 14.44
C PRO A 362 7.93 -3.14 14.18
N PHE A 363 7.42 -4.23 14.77
CA PHE A 363 8.02 -5.54 14.54
C PHE A 363 8.00 -5.90 13.05
N PHE A 364 6.88 -5.64 12.35
CA PHE A 364 6.81 -6.01 10.94
C PHE A 364 7.38 -4.93 10.02
N ALA A 365 7.33 -3.66 10.44
CA ALA A 365 8.01 -2.61 9.69
C ALA A 365 9.50 -2.93 9.54
N GLU A 366 10.12 -3.46 10.59
CA GLU A 366 11.54 -3.78 10.51
C GLU A 366 11.78 -4.99 9.61
N ILE A 367 10.89 -5.99 9.66
CA ILE A 367 11.03 -7.13 8.75
C ILE A 367 10.84 -6.70 7.30
N LYS A 368 9.92 -5.76 7.05
CA LYS A 368 9.74 -5.28 5.69
C LYS A 368 11.03 -4.63 5.17
N GLU A 369 11.64 -3.78 6.02
CA GLU A 369 12.92 -3.16 5.71
C GLU A 369 14.02 -4.20 5.50
N ARG A 370 14.10 -5.18 6.39
CA ARG A 370 15.23 -6.16 6.36
C ARG A 370 15.15 -7.12 5.17
N LEU A 371 13.95 -7.59 4.83
CA LEU A 371 13.82 -8.62 3.76
C LEU A 371 13.25 -8.05 2.47
N GLY A 372 12.88 -6.78 2.44
CA GLY A 372 12.24 -6.29 1.23
C GLY A 372 10.89 -6.92 0.94
N VAL A 373 10.11 -7.25 1.97
CA VAL A 373 8.78 -7.85 1.77
C VAL A 373 7.67 -6.85 2.09
N SER B 4 38.08 5.93 7.15
CA SER B 4 37.80 7.33 7.41
C SER B 4 37.51 7.55 8.90
N PRO B 5 37.88 8.73 9.43
CA PRO B 5 37.41 9.09 10.79
C PRO B 5 35.89 9.17 10.87
N THR B 6 35.22 9.75 9.87
CA THR B 6 33.75 9.71 9.90
C THR B 6 33.25 8.29 9.64
N ALA B 7 33.98 7.48 8.86
CA ALA B 7 33.59 6.08 8.71
C ALA B 7 33.68 5.35 10.04
N ALA B 8 34.70 5.66 10.86
CA ALA B 8 34.81 5.02 12.17
C ALA B 8 33.76 5.55 13.14
N VAL B 9 33.38 6.83 13.01
CA VAL B 9 32.30 7.37 13.85
C VAL B 9 30.99 6.66 13.53
N ILE B 10 30.69 6.49 12.25
CA ILE B 10 29.41 5.88 11.88
C ILE B 10 29.39 4.40 12.25
N ALA B 11 30.52 3.71 12.12
CA ALA B 11 30.59 2.33 12.59
C ALA B 11 30.25 2.23 14.07
N GLU B 12 30.70 3.21 14.88
CA GLU B 12 30.40 3.18 16.30
C GLU B 12 28.92 3.46 16.56
N VAL B 13 28.30 4.34 15.77
CA VAL B 13 26.87 4.59 15.90
C VAL B 13 26.05 3.34 15.53
N ASP B 14 26.40 2.71 14.41
CA ASP B 14 25.67 1.53 13.95
C ASP B 14 25.72 0.41 14.99
N GLU B 15 26.88 0.22 15.63
CA GLU B 15 26.99 -0.78 16.67
C GLU B 15 26.11 -0.44 17.88
N LEU B 16 26.11 0.83 18.30
CA LEU B 16 25.25 1.25 19.41
C LEU B 16 23.77 1.13 19.05
N ARG B 17 23.42 1.56 17.84
CA ARG B 17 22.07 1.33 17.33
C ARG B 17 21.69 -0.15 17.42
N GLU B 18 22.61 -1.04 17.06
CA GLU B 18 22.34 -2.48 17.17
C GLU B 18 22.03 -2.91 18.61
N LYS B 19 22.76 -2.36 19.58
CA LYS B 19 22.53 -2.75 20.97
C LYS B 19 21.19 -2.27 21.50
N ILE B 20 20.70 -1.12 21.03
CA ILE B 20 19.48 -0.57 21.60
C ILE B 20 18.24 -0.89 20.77
N LYS B 21 18.38 -1.62 19.66
CA LYS B 21 17.19 -2.09 18.95
C LYS B 21 16.40 -2.98 19.88
N GLY B 22 15.09 -2.84 19.86
CA GLY B 22 14.35 -3.55 20.87
C GLY B 22 14.31 -2.88 22.21
N SER B 23 14.76 -1.62 22.32
CA SER B 23 14.55 -0.86 23.54
C SER B 23 13.77 0.44 23.32
N ARG B 24 12.98 0.53 22.24
CA ARG B 24 12.28 1.79 21.95
C ARG B 24 11.33 2.19 23.10
N ASN B 25 10.66 1.23 23.72
CA ASN B 25 9.84 1.58 24.89
C ASN B 25 10.64 2.29 26.00
N SER B 26 11.96 2.18 26.01
CA SER B 26 12.77 2.82 27.05
C SER B 26 13.45 4.12 26.62
N PHE B 27 13.19 4.62 25.40
CA PHE B 27 13.97 5.73 24.88
C PHE B 27 13.82 7.01 25.68
N ARG B 28 12.88 7.08 26.62
CA ARG B 28 12.77 8.26 27.46
C ARG B 28 12.91 7.90 28.94
N ASP B 29 13.32 6.68 29.26
CA ASP B 29 13.57 6.31 30.65
C ASP B 29 14.99 6.72 31.03
N GLN B 30 15.13 7.41 32.18
CA GLN B 30 16.42 8.04 32.47
C GLN B 30 17.51 7.00 32.75
N SER B 31 17.13 5.84 33.30
CA SER B 31 18.12 4.79 33.49
C SER B 31 18.70 4.34 32.15
N PHE B 32 17.85 4.17 31.15
CA PHE B 32 18.32 3.86 29.80
C PHE B 32 19.17 5.00 29.23
N LEU B 33 18.67 6.23 29.35
CA LEU B 33 19.38 7.39 28.75
C LEU B 33 20.76 7.60 29.39
N ASP B 34 20.86 7.47 30.70
CA ASP B 34 22.16 7.56 31.36
C ASP B 34 23.14 6.56 30.76
N GLN B 35 22.69 5.32 30.55
CA GLN B 35 23.55 4.29 29.99
C GLN B 35 23.91 4.58 28.53
N LEU B 36 22.92 4.98 27.72
CA LEU B 36 23.18 5.37 26.35
C LEU B 36 24.18 6.52 26.28
N ALA B 37 23.96 7.55 27.12
CA ALA B 37 24.86 8.69 27.16
C ALA B 37 26.28 8.28 27.47
N GLN B 38 26.46 7.35 28.42
CA GLN B 38 27.80 6.88 28.77
C GLN B 38 28.44 6.14 27.61
N HIS B 39 27.67 5.27 26.94
CA HIS B 39 28.24 4.53 25.81
C HIS B 39 28.65 5.48 24.70
N ILE B 40 27.84 6.51 24.43
CA ILE B 40 28.21 7.50 23.41
C ILE B 40 29.48 8.23 23.82
N ALA B 41 29.50 8.78 25.04
CA ALA B 41 30.66 9.57 25.47
C ALA B 41 31.95 8.75 25.45
N ASP B 42 31.86 7.43 25.65
CA ASP B 42 33.01 6.55 25.68
C ASP B 42 33.42 6.02 24.32
N ALA B 43 32.60 6.24 23.29
CA ALA B 43 32.97 5.79 21.95
C ALA B 43 34.24 6.50 21.50
N PRO B 44 35.30 5.76 21.12
CA PRO B 44 36.60 6.42 20.88
C PRO B 44 36.56 7.54 19.84
N HIS B 45 35.76 7.38 18.78
CA HIS B 45 35.68 8.39 17.73
C HIS B 45 34.41 9.24 17.84
N LEU B 46 33.25 8.58 17.97
CA LEU B 46 31.96 9.27 18.07
C LEU B 46 31.91 10.18 19.29
N GLY B 47 32.40 9.71 20.44
CA GLY B 47 32.27 10.49 21.67
C GLY B 47 32.99 11.83 21.64
N ARG B 48 33.95 12.01 20.74
CA ARG B 48 34.72 13.26 20.72
C ARG B 48 34.17 14.25 19.71
N GLN B 49 33.11 13.89 18.99
CA GLN B 49 32.49 14.82 18.06
C GLN B 49 31.69 15.87 18.82
N PRO B 50 31.75 17.15 18.42
CA PRO B 50 31.01 18.18 19.16
C PRO B 50 29.52 17.91 19.24
N ILE B 51 28.90 17.46 18.15
CA ILE B 51 27.47 17.19 18.22
C ILE B 51 27.18 16.04 19.17
N ALA B 52 28.13 15.11 19.33
CA ALA B 52 27.92 14.01 20.28
C ALA B 52 28.07 14.51 21.72
N ARG B 53 29.00 15.43 21.96
CA ARG B 53 29.04 16.13 23.24
C ARG B 53 27.67 16.73 23.55
N ALA B 54 27.07 17.39 22.54
CA ALA B 54 25.78 18.02 22.74
C ALA B 54 24.70 16.99 23.08
N LEU B 55 24.69 15.85 22.37
CA LEU B 55 23.63 14.87 22.64
C LEU B 55 23.75 14.30 24.04
N VAL B 56 24.96 13.88 24.41
CA VAL B 56 25.22 13.33 25.75
C VAL B 56 24.67 14.31 26.79
N GLU B 57 24.91 15.59 26.59
CA GLU B 57 24.45 16.59 27.56
C GLU B 57 22.93 16.65 27.60
N ASP B 58 22.26 16.64 26.43
CA ASP B 58 20.79 16.66 26.44
C ASP B 58 20.22 15.40 27.06
N LEU B 59 20.81 14.25 26.76
CA LEU B 59 20.24 13.01 27.28
C LEU B 59 20.42 12.91 28.78
N ARG B 60 21.58 13.34 29.29
CA ARG B 60 21.83 13.28 30.73
C ARG B 60 20.89 14.19 31.52
N GLY B 61 20.39 15.26 30.90
CA GLY B 61 19.47 16.15 31.55
C GLY B 61 18.01 15.92 31.27
N TYR B 62 17.66 14.82 30.58
CA TYR B 62 16.32 14.68 30.00
C TYR B 62 15.23 14.56 31.06
N ALA B 63 15.57 14.07 32.26
CA ALA B 63 14.55 13.86 33.30
C ALA B 63 13.91 15.18 33.74
N SER B 64 14.70 16.25 33.83
CA SER B 64 14.16 17.55 34.22
C SER B 64 13.86 18.46 33.03
N GLU B 65 14.48 18.24 31.87
CA GLU B 65 14.22 19.04 30.68
C GLU B 65 14.12 18.10 29.49
N PRO B 66 12.93 17.58 29.20
CA PRO B 66 12.73 16.62 28.10
C PRO B 66 12.76 17.33 26.75
N ARG B 67 13.96 17.80 26.38
CA ARG B 67 14.26 18.54 25.15
C ARG B 67 15.64 18.11 24.67
N LEU B 68 15.86 18.19 23.36
CA LEU B 68 17.22 18.05 22.87
C LEU B 68 17.75 19.42 22.42
N ALA B 69 17.86 20.36 23.36
CA ALA B 69 18.11 21.75 22.97
C ALA B 69 19.53 21.94 22.45
N ALA B 70 20.51 21.34 23.10
CA ALA B 70 21.89 21.52 22.66
C ALA B 70 22.12 20.91 21.27
N VAL B 71 21.54 19.73 21.02
CA VAL B 71 21.67 19.13 19.70
C VAL B 71 21.01 20.02 18.64
N LYS B 72 19.83 20.55 18.95
CA LYS B 72 19.09 21.31 17.95
C LYS B 72 19.71 22.68 17.74
N ALA B 73 20.34 23.25 18.78
CA ALA B 73 21.09 24.49 18.60
C ALA B 73 22.28 24.28 17.64
N HIS B 74 23.03 23.22 17.87
CA HIS B 74 24.11 22.88 16.95
C HIS B 74 23.59 22.75 15.52
N ILE B 75 22.54 21.94 15.34
CA ILE B 75 22.04 21.68 13.99
C ILE B 75 21.51 22.97 13.36
N ASN B 76 20.65 23.69 14.08
CA ASN B 76 20.03 24.88 13.52
C ASN B 76 21.06 25.96 13.20
N GLU B 77 22.13 26.07 13.99
CA GLU B 77 23.20 27.04 13.71
C GLU B 77 24.20 26.55 12.68
N GLU B 78 24.04 25.33 12.15
CA GLU B 78 24.93 24.79 11.13
C GLU B 78 26.40 24.87 11.56
N ARG B 79 26.67 24.52 12.82
CA ARG B 79 28.04 24.57 13.34
C ARG B 79 28.98 23.70 12.53
N ASP B 80 28.46 22.62 11.97
CA ASP B 80 29.12 21.78 10.99
C ASP B 80 28.01 21.07 10.20
N GLN B 81 28.37 20.15 9.34
CA GLN B 81 27.37 19.49 8.51
C GLN B 81 27.06 18.08 8.99
N HIS B 82 27.11 17.85 10.29
CA HIS B 82 26.85 16.55 10.90
C HIS B 82 25.54 16.59 11.66
N ILE B 83 24.76 15.51 11.57
CA ILE B 83 23.50 15.39 12.32
C ILE B 83 23.58 14.10 13.12
N PHE B 84 23.22 14.17 14.40
CA PHE B 84 23.34 13.01 15.29
C PHE B 84 22.33 13.19 16.41
N SER B 85 21.47 12.19 16.63
CA SER B 85 20.45 12.34 17.67
C SER B 85 19.78 10.99 17.92
N LEU B 86 18.82 11.01 18.84
CA LEU B 86 17.94 9.88 19.11
C LEU B 86 16.55 10.23 18.60
N PHE B 87 16.03 9.41 17.70
CA PHE B 87 14.82 9.72 16.96
C PHE B 87 13.65 8.80 17.31
N ASP B 88 12.44 9.34 17.16
CA ASP B 88 11.20 8.55 17.28
C ASP B 88 10.18 9.18 16.32
N ALA B 89 10.16 8.69 15.09
CA ALA B 89 9.25 9.18 14.06
C ALA B 89 8.44 8.00 13.55
N SER B 90 7.12 8.00 13.82
CA SER B 90 6.35 6.78 13.53
C SER B 90 6.32 6.46 12.04
N TYR B 91 6.47 7.47 11.18
CA TYR B 91 6.50 7.25 9.75
C TYR B 91 7.91 6.99 9.20
N PHE B 92 8.94 7.19 10.01
CA PHE B 92 10.31 6.77 9.68
C PHE B 92 10.76 5.73 10.70
N PRO B 93 10.15 4.54 10.72
CA PRO B 93 10.42 3.59 11.81
C PRO B 93 11.86 3.08 11.87
N SER B 94 12.65 3.20 10.80
CA SER B 94 14.01 2.71 10.87
C SER B 94 14.93 3.58 11.73
N LEU B 95 14.52 4.81 12.10
CA LEU B 95 15.40 5.75 12.81
C LEU B 95 15.36 5.51 14.32
N SER B 96 16.52 5.22 14.93
CA SER B 96 16.63 5.20 16.39
C SER B 96 17.78 6.13 16.76
N LEU B 97 18.98 5.61 17.04
CA LEU B 97 20.18 6.43 17.19
C LEU B 97 20.82 6.52 15.80
N GLU B 98 20.94 7.73 15.25
CA GLU B 98 21.39 7.87 13.87
C GLU B 98 22.35 9.05 13.70
N TYR B 99 23.22 8.93 12.69
CA TYR B 99 24.27 9.90 12.38
C TYR B 99 24.31 10.11 10.86
N LEU B 100 24.48 11.36 10.41
CA LEU B 100 24.75 11.55 8.99
C LEU B 100 25.60 12.80 8.81
N THR B 101 26.27 12.86 7.65
CA THR B 101 26.93 14.08 7.20
C THR B 101 26.28 14.47 5.88
N TYR B 102 26.14 15.76 5.64
CA TYR B 102 25.43 16.23 4.46
C TYR B 102 26.27 17.28 3.75
N GLU B 103 25.88 17.58 2.52
CA GLU B 103 26.47 18.71 1.81
C GLU B 103 25.33 19.57 1.28
N THR B 104 25.55 20.89 1.26
CA THR B 104 24.51 21.81 0.83
C THR B 104 24.61 22.04 -0.68
N LEU B 105 23.58 22.68 -1.22
CA LEU B 105 23.42 22.75 -2.64
C LEU B 105 23.39 24.22 -3.08
N PRO B 106 23.75 24.51 -4.33
CA PRO B 106 23.59 25.89 -4.81
C PRO B 106 22.15 26.35 -4.69
N THR B 107 21.98 27.65 -4.39
CA THR B 107 20.67 28.23 -4.16
C THR B 107 20.53 29.54 -4.92
N ASN B 108 19.41 29.69 -5.62
CA ASN B 108 19.13 30.94 -6.30
C ASN B 108 18.79 32.02 -5.28
N PRO B 109 19.39 33.21 -5.35
CA PRO B 109 19.09 34.23 -4.33
C PRO B 109 17.62 34.66 -4.30
N HIS B 110 17.01 34.98 -5.45
CA HIS B 110 15.60 35.38 -5.42
C HIS B 110 14.73 34.30 -4.79
N LEU B 111 15.00 33.04 -5.14
CA LEU B 111 14.19 31.94 -4.61
C LEU B 111 14.28 31.87 -3.09
N ALA B 112 15.50 31.98 -2.55
CA ALA B 112 15.70 31.89 -1.11
C ALA B 112 15.18 33.12 -0.37
N ALA B 113 15.14 34.28 -1.04
CA ALA B 113 14.64 35.50 -0.39
C ALA B 113 13.12 35.60 -0.47
N ARG B 114 12.56 35.45 -1.66
CA ARG B 114 11.14 35.68 -1.84
C ARG B 114 10.31 34.55 -1.27
N TYR B 115 10.83 33.32 -1.31
CA TYR B 115 10.08 32.16 -0.88
C TYR B 115 10.75 31.51 0.33
N ALA B 116 11.18 32.36 1.27
CA ALA B 116 12.04 31.94 2.37
C ALA B 116 11.35 30.97 3.32
N SER B 117 12.10 29.95 3.74
CA SER B 117 11.67 29.02 4.77
C SER B 117 12.91 28.39 5.35
N PRO B 118 12.80 27.67 6.50
CA PRO B 118 13.98 26.99 7.06
C PRO B 118 14.34 25.67 6.36
N THR B 119 14.01 25.55 5.08
CA THR B 119 14.30 24.34 4.33
C THR B 119 15.79 24.17 4.07
N MET B 120 16.27 22.93 4.21
CA MET B 120 17.66 22.55 3.92
C MET B 120 17.64 21.41 2.92
N PRO B 121 17.60 21.70 1.62
CA PRO B 121 17.75 20.64 0.61
C PRO B 121 19.21 20.22 0.55
N VAL B 122 19.53 18.99 0.92
CA VAL B 122 20.92 18.55 1.04
C VAL B 122 21.07 17.16 0.43
N ASN B 123 22.33 16.79 0.17
CA ASN B 123 22.70 15.43 -0.17
C ASN B 123 23.32 14.74 1.04
N ILE B 124 22.89 13.51 1.31
CA ILE B 124 23.53 12.72 2.35
C ILE B 124 24.85 12.22 1.79
N ILE B 125 25.95 12.50 2.49
CA ILE B 125 27.26 11.97 2.08
C ILE B 125 27.56 10.62 2.75
N ALA B 126 27.39 10.54 4.08
CA ALA B 126 27.56 9.26 4.79
C ALA B 126 26.51 9.18 5.89
N SER B 127 26.11 7.97 6.27
CA SER B 127 25.07 7.89 7.29
C SER B 127 25.07 6.53 7.96
N SER B 128 24.47 6.50 9.15
CA SER B 128 24.15 5.27 9.85
C SER B 128 23.02 4.53 9.14
N LYS B 129 22.77 3.31 9.59
CA LYS B 129 21.92 2.36 8.87
C LYS B 129 20.48 2.86 8.75
N GLY B 130 19.95 3.47 9.81
CA GLY B 130 18.56 3.91 9.78
C GLY B 130 18.26 4.90 8.67
N PHE B 131 19.20 5.83 8.41
CA PHE B 131 19.07 6.83 7.35
C PHE B 131 19.22 6.25 5.95
N GLN B 132 19.60 4.97 5.81
CA GLN B 132 19.75 4.37 4.49
C GLN B 132 18.45 3.80 3.93
N SER B 133 17.42 3.68 4.75
CA SER B 133 16.12 3.24 4.25
C SER B 133 15.57 4.21 3.20
N ARG B 134 15.02 3.65 2.12
CA ARG B 134 14.41 4.53 1.10
C ARG B 134 13.18 5.27 1.61
N VAL B 135 12.58 4.81 2.72
CA VAL B 135 11.44 5.52 3.31
C VAL B 135 11.84 6.92 3.77
N VAL B 136 13.08 7.09 4.22
CA VAL B 136 13.48 8.30 4.96
C VAL B 136 13.98 9.32 3.94
N VAL B 137 13.07 10.18 3.48
CA VAL B 137 13.39 11.15 2.46
C VAL B 137 13.64 12.54 3.05
N ALA B 138 13.37 12.73 4.33
CA ALA B 138 13.45 14.03 4.95
C ALA B 138 13.69 13.84 6.44
N LEU B 139 13.97 14.93 7.14
CA LEU B 139 14.13 14.90 8.59
C LEU B 139 13.50 16.13 9.20
N PHE B 140 12.52 15.93 10.08
CA PHE B 140 11.76 17.02 10.68
C PHE B 140 12.13 17.20 12.16
N PRO B 141 12.06 18.43 12.69
CA PRO B 141 12.50 18.63 14.08
C PRO B 141 11.69 17.83 15.09
N GLU B 142 10.41 17.61 14.85
CA GLU B 142 9.66 16.80 15.78
C GLU B 142 10.01 15.30 15.69
N ASN B 143 10.90 14.90 14.79
CA ASN B 143 11.33 13.50 14.71
C ASN B 143 12.31 13.12 15.82
N HIS B 144 12.99 14.11 16.41
CA HIS B 144 13.80 13.87 17.60
C HIS B 144 12.91 13.36 18.74
N ILE B 145 13.50 12.70 19.74
CA ILE B 145 12.65 12.11 20.78
C ILE B 145 11.86 13.16 21.56
N ASP B 146 12.28 14.43 21.54
CA ASP B 146 11.49 15.40 22.28
C ASP B 146 10.17 15.76 21.58
N GLY B 147 10.00 15.43 20.30
CA GLY B 147 8.73 15.69 19.65
C GLY B 147 8.39 17.15 19.38
N ILE B 148 9.35 18.07 19.54
CA ILE B 148 9.09 19.50 19.45
C ILE B 148 9.45 19.99 18.06
N GLN B 149 8.65 20.91 17.52
CA GLN B 149 9.01 21.64 16.30
C GLN B 149 8.74 23.13 16.52
N ARG B 150 9.68 23.98 16.13
CA ARG B 150 9.52 25.42 16.17
C ARG B 150 9.55 25.96 14.75
N GLY B 151 8.91 27.12 14.54
CA GLY B 151 8.76 27.63 13.20
C GLY B 151 10.07 27.90 12.49
N ASP B 152 11.12 28.18 13.25
CA ASP B 152 12.43 28.43 12.65
C ASP B 152 13.40 27.26 12.75
N ASP B 153 12.96 26.09 13.22
CA ASP B 153 13.80 24.90 13.17
C ASP B 153 14.07 24.50 11.72
N LEU B 154 15.28 24.04 11.43
CA LEU B 154 15.63 23.59 10.10
C LEU B 154 14.97 22.25 9.78
N ILE B 155 14.56 22.10 8.52
CA ILE B 155 13.91 20.91 7.99
C ILE B 155 14.76 20.44 6.81
N PHE B 156 15.22 19.20 6.87
CA PHE B 156 16.10 18.66 5.83
C PHE B 156 15.31 17.82 4.84
N ALA B 157 15.63 17.99 3.56
CA ALA B 157 15.15 17.14 2.48
C ALA B 157 16.38 16.51 1.81
N PHE B 158 16.36 15.19 1.65
CA PHE B 158 17.52 14.45 1.12
C PHE B 158 17.39 14.32 -0.40
N ILE B 159 17.89 15.35 -1.09
CA ILE B 159 17.70 15.48 -2.54
C ILE B 159 18.30 14.30 -3.29
N ASN B 160 19.41 13.73 -2.79
CA ASN B 160 19.99 12.60 -3.52
C ASN B 160 18.99 11.44 -3.62
N LYS B 161 18.09 11.31 -2.63
CA LYS B 161 17.11 10.23 -2.71
C LYS B 161 16.01 10.58 -3.69
N PHE B 162 15.74 11.87 -3.91
CA PHE B 162 14.76 12.22 -4.92
C PHE B 162 15.33 12.09 -6.33
N VAL B 163 16.62 12.37 -6.51
CA VAL B 163 17.27 12.07 -7.79
C VAL B 163 17.16 10.57 -8.11
N GLU B 164 17.52 9.72 -7.15
CA GLU B 164 17.45 8.28 -7.36
C GLU B 164 16.03 7.84 -7.77
N ARG B 165 15.02 8.38 -7.10
CA ARG B 165 13.63 8.01 -7.39
C ARG B 165 13.21 8.51 -8.77
N HIS B 166 13.66 9.72 -9.15
CA HIS B 166 13.38 10.21 -10.50
C HIS B 166 13.96 9.28 -11.55
N ASN B 167 15.22 8.87 -11.38
CA ASN B 167 15.88 8.05 -12.39
C ASN B 167 15.30 6.64 -12.44
N ARG B 168 14.82 6.13 -11.30
CA ARG B 168 14.31 4.76 -11.20
C ARG B 168 12.86 4.64 -11.66
N ILE B 169 12.04 5.66 -11.43
CA ILE B 169 10.62 5.50 -11.72
C ILE B 169 10.13 6.57 -12.70
N THR B 170 10.34 7.84 -12.38
CA THR B 170 9.78 8.90 -13.24
C THR B 170 10.26 8.78 -14.69
N ARG B 171 11.57 8.57 -14.89
CA ARG B 171 12.11 8.56 -16.26
C ARG B 171 11.46 7.50 -17.12
N LYS B 172 11.39 6.26 -16.62
CA LYS B 172 10.78 5.27 -17.50
C LYS B 172 9.27 5.49 -17.63
N MET B 173 8.64 6.20 -16.68
CA MET B 173 7.24 6.53 -16.89
C MET B 173 7.08 7.61 -17.95
N ILE B 174 7.97 8.62 -17.96
CA ILE B 174 7.89 9.63 -19.02
C ILE B 174 7.98 8.96 -20.39
N ASP B 175 8.95 8.06 -20.56
CA ASP B 175 9.12 7.38 -21.84
C ASP B 175 7.87 6.63 -22.25
N ALA B 176 7.20 5.98 -21.30
CA ALA B 176 6.12 5.06 -21.66
C ALA B 176 4.74 5.73 -21.67
N VAL B 177 4.56 6.82 -20.95
CA VAL B 177 3.23 7.37 -20.70
C VAL B 177 3.01 8.76 -21.28
N MET B 178 4.05 9.56 -21.51
CA MET B 178 3.91 10.93 -22.00
C MET B 178 4.07 10.98 -23.51
N ALA B 179 3.29 11.84 -24.17
CA ALA B 179 3.54 12.10 -25.59
C ALA B 179 4.96 12.63 -25.78
N GLU B 180 5.58 12.29 -26.93
CA GLU B 180 6.94 12.76 -27.16
C GLU B 180 7.02 14.28 -27.15
N GLY B 181 8.13 14.80 -26.62
CA GLY B 181 8.32 16.23 -26.44
C GLY B 181 7.63 16.86 -25.23
N SER B 182 7.04 16.06 -24.34
CA SER B 182 6.34 16.60 -23.19
C SER B 182 7.27 17.33 -22.24
N PHE B 183 8.44 16.74 -21.93
CA PHE B 183 9.37 17.28 -20.94
C PHE B 183 10.77 17.40 -21.54
N PRO B 184 10.95 18.33 -22.49
CA PRO B 184 12.21 18.36 -23.27
C PRO B 184 13.45 18.64 -22.44
N LEU B 185 13.34 19.51 -21.44
CA LEU B 185 14.47 19.88 -20.60
C LEU B 185 14.91 18.74 -19.68
N LEU B 186 14.00 17.83 -19.34
CA LEU B 186 14.36 16.70 -18.48
C LEU B 186 15.02 15.56 -19.25
N ARG B 187 14.80 15.49 -20.57
CA ARG B 187 15.28 14.36 -21.35
C ARG B 187 16.80 14.27 -21.28
N GLY B 188 17.29 13.14 -20.80
CA GLY B 188 18.72 12.93 -20.62
C GLY B 188 19.42 13.88 -19.65
N ALA B 189 18.67 14.74 -18.94
CA ALA B 189 19.29 15.64 -17.99
C ALA B 189 20.15 14.86 -17.00
N ASP B 190 21.30 15.44 -16.63
CA ASP B 190 22.19 14.72 -15.74
C ASP B 190 21.68 14.81 -14.30
N ASP B 191 22.36 14.10 -13.40
CA ASP B 191 21.89 14.05 -12.02
C ASP B 191 22.00 15.42 -11.37
N ARG B 192 23.03 16.20 -11.70
CA ARG B 192 23.14 17.53 -11.10
C ARG B 192 22.02 18.44 -11.56
N THR B 193 21.52 18.24 -12.76
CA THR B 193 20.41 19.04 -13.23
C THR B 193 19.12 18.68 -12.51
N VAL B 194 18.85 17.38 -12.33
CA VAL B 194 17.67 16.95 -11.59
C VAL B 194 17.78 17.39 -10.14
N GLU B 195 18.99 17.30 -9.57
CA GLU B 195 19.28 17.81 -8.24
C GLU B 195 18.80 19.24 -8.06
N GLN B 196 19.16 20.11 -9.00
CA GLN B 196 18.77 21.51 -8.87
C GLN B 196 17.25 21.67 -8.99
N ALA B 197 16.63 20.97 -9.95
CA ALA B 197 15.17 21.06 -10.08
C ALA B 197 14.47 20.58 -8.81
N SER B 198 14.96 19.47 -8.24
CA SER B 198 14.37 18.93 -7.02
C SER B 198 14.56 19.89 -5.85
N SER B 199 15.74 20.51 -5.73
CA SER B 199 15.96 21.46 -4.65
C SER B 199 15.00 22.66 -4.76
N TRP B 200 14.73 23.13 -5.99
CA TRP B 200 13.70 24.15 -6.18
C TRP B 200 12.34 23.65 -5.75
N TRP B 201 12.01 22.40 -6.12
CA TRP B 201 10.73 21.82 -5.74
C TRP B 201 10.54 21.88 -4.22
N VAL B 202 11.54 21.40 -3.47
CA VAL B 202 11.38 21.34 -2.01
C VAL B 202 11.27 22.75 -1.41
N ARG B 203 12.04 23.71 -1.93
CA ARG B 203 11.97 25.05 -1.36
C ARG B 203 10.60 25.68 -1.56
N LEU B 204 10.04 25.57 -2.77
CA LEU B 204 8.71 26.11 -3.03
C LEU B 204 7.64 25.37 -2.25
N HIS B 205 7.82 24.05 -2.14
CA HIS B 205 6.91 23.17 -1.40
C HIS B 205 6.77 23.61 0.06
N GLU B 206 7.88 23.63 0.80
CA GLU B 206 7.80 23.97 2.23
C GLU B 206 7.25 25.38 2.43
N TYR B 207 7.69 26.33 1.61
CA TYR B 207 7.16 27.69 1.68
C TYR B 207 5.64 27.69 1.57
N HIS B 208 5.08 27.00 0.58
CA HIS B 208 3.64 27.15 0.38
C HIS B 208 2.81 26.41 1.43
N HIS B 209 3.35 25.35 2.04
CA HIS B 209 2.68 24.74 3.19
C HIS B 209 2.28 25.77 4.22
N ARG B 210 3.07 26.83 4.36
CA ARG B 210 2.84 27.84 5.41
C ARG B 210 1.97 29.01 4.93
N GLN B 211 1.53 29.02 3.67
CA GLN B 211 0.69 30.08 3.08
C GLN B 211 -0.74 29.56 2.89
N GLY B 212 -1.65 30.51 2.65
CA GLY B 212 -3.06 30.19 2.43
C GLY B 212 -3.94 30.29 3.68
N ASP B 213 -5.19 29.87 3.53
CA ASP B 213 -6.18 30.06 4.59
C ASP B 213 -6.22 28.92 5.61
N MET B 214 -5.65 27.75 5.31
CA MET B 214 -5.49 26.67 6.27
C MET B 214 -4.06 26.14 6.26
N PRO B 215 -3.08 26.98 6.63
CA PRO B 215 -1.68 26.53 6.58
C PRO B 215 -1.41 25.41 7.57
N ILE B 216 -0.35 24.66 7.32
CA ILE B 216 0.12 23.70 8.31
C ILE B 216 1.44 24.24 8.85
N PRO B 217 1.77 24.00 10.14
CA PRO B 217 1.08 23.04 11.01
C PRO B 217 -0.17 23.55 11.73
N GLU B 218 -0.57 24.81 11.57
CA GLU B 218 -1.74 25.28 12.31
C GLU B 218 -2.93 24.35 12.11
N PHE B 219 -3.19 23.96 10.85
CA PHE B 219 -4.36 23.14 10.53
C PHE B 219 -3.97 21.69 10.24
N LEU B 220 -2.81 21.27 10.73
CA LEU B 220 -2.30 19.92 10.46
C LEU B 220 -3.30 18.84 10.85
N ARG B 221 -3.95 18.96 12.02
CA ARG B 221 -4.77 17.82 12.43
C ARG B 221 -6.03 17.65 11.59
N TYR B 222 -6.37 18.64 10.77
CA TYR B 222 -7.49 18.54 9.85
C TYR B 222 -7.08 17.99 8.49
N LYS B 223 -5.80 17.79 8.25
CA LYS B 223 -5.32 17.41 6.93
C LYS B 223 -4.55 16.09 7.00
N LYS B 224 -5.00 15.16 7.85
CA LYS B 224 -4.31 13.88 7.95
C LYS B 224 -5.09 12.70 7.38
N LEU B 225 -6.41 12.82 7.22
CA LEU B 225 -7.15 11.84 6.42
C LEU B 225 -6.47 11.65 5.08
N LYS B 226 -6.48 10.43 4.57
CA LYS B 226 -5.66 10.11 3.40
C LYS B 226 -5.91 11.10 2.25
N PRO B 227 -7.14 11.31 1.79
CA PRO B 227 -7.31 12.19 0.62
C PRO B 227 -6.94 13.64 0.92
N LEU B 228 -7.02 14.06 2.19
CA LEU B 228 -6.76 15.45 2.54
C LEU B 228 -5.26 15.71 2.69
N ALA B 229 -4.51 14.77 3.27
CA ALA B 229 -3.06 14.93 3.32
C ALA B 229 -2.46 14.99 1.92
N GLY B 230 -2.96 14.13 1.01
CA GLY B 230 -2.53 14.22 -0.38
C GLY B 230 -2.90 15.55 -1.03
N LEU B 231 -4.14 15.99 -0.83
CA LEU B 231 -4.58 17.24 -1.44
C LEU B 231 -3.74 18.41 -0.95
N GLU B 232 -3.31 18.37 0.31
CA GLU B 232 -2.45 19.45 0.81
C GLU B 232 -1.08 19.43 0.15
N GLU B 233 -0.47 18.26 -0.02
CA GLU B 233 0.77 18.17 -0.77
C GLU B 233 0.56 18.69 -2.20
N LEU B 234 -0.57 18.37 -2.79
CA LEU B 234 -0.84 18.79 -4.16
C LEU B 234 -1.08 20.31 -4.23
N ARG B 235 -1.78 20.89 -3.24
CA ARG B 235 -1.98 22.34 -3.22
C ARG B 235 -0.66 23.08 -3.31
N VAL B 236 0.32 22.68 -2.50
CA VAL B 236 1.58 23.43 -2.48
C VAL B 236 2.39 23.15 -3.74
N ASP B 237 2.27 21.96 -4.33
CA ASP B 237 3.04 21.68 -5.54
C ASP B 237 2.45 22.40 -6.76
N VAL B 238 1.12 22.47 -6.89
CA VAL B 238 0.54 23.30 -7.94
C VAL B 238 0.95 24.76 -7.76
N SER B 239 0.95 25.24 -6.51
CA SER B 239 1.44 26.60 -6.25
C SER B 239 2.88 26.77 -6.75
N GLY B 240 3.72 25.75 -6.54
CA GLY B 240 5.10 25.83 -6.98
C GLY B 240 5.24 25.79 -8.50
N MET B 241 4.48 24.91 -9.15
CA MET B 241 4.41 24.92 -10.61
C MET B 241 4.11 26.32 -11.12
N LEU B 242 3.07 26.92 -10.57
CA LEU B 242 2.64 28.22 -11.06
C LEU B 242 3.69 29.30 -10.80
N VAL B 243 4.37 29.25 -9.65
CA VAL B 243 5.47 30.18 -9.41
C VAL B 243 6.57 30.03 -10.47
N CYS B 244 6.91 28.80 -10.83
CA CYS B 244 7.91 28.59 -11.88
C CYS B 244 7.47 29.18 -13.22
N LEU B 245 6.18 29.15 -13.50
CA LEU B 245 5.67 29.71 -14.75
C LEU B 245 5.53 31.23 -14.71
N ASN B 246 5.31 31.82 -13.54
CA ASN B 246 4.77 33.18 -13.46
C ASN B 246 5.73 34.21 -12.88
N ASP B 247 6.61 33.85 -11.97
CA ASP B 247 7.50 34.80 -11.32
C ASP B 247 8.68 35.11 -12.24
N PRO B 248 8.75 36.34 -12.80
CA PRO B 248 9.77 36.63 -13.80
C PRO B 248 11.14 36.91 -13.20
N GLU B 249 11.25 37.01 -11.89
CA GLU B 249 12.57 37.21 -11.31
C GLU B 249 13.36 35.91 -11.12
N LEU B 250 12.78 34.75 -11.43
CA LEU B 250 13.51 33.48 -11.41
C LEU B 250 14.25 33.28 -12.74
N PRO B 251 15.46 32.71 -12.74
CA PRO B 251 16.15 32.46 -14.01
C PRO B 251 15.33 31.51 -14.88
N ALA B 252 15.16 31.90 -16.14
CA ALA B 252 14.14 31.26 -16.96
C ALA B 252 14.47 29.81 -17.26
N ASP B 253 15.75 29.46 -17.40
CA ASP B 253 16.09 28.07 -17.67
C ASP B 253 15.81 27.21 -16.44
N GLU B 254 16.34 27.59 -15.28
CA GLU B 254 16.11 26.80 -14.08
C GLU B 254 14.63 26.75 -13.70
N ALA B 255 13.87 27.80 -14.01
CA ALA B 255 12.46 27.81 -13.64
C ALA B 255 11.67 26.81 -14.47
N ARG B 256 11.91 26.77 -15.79
CA ARG B 256 11.19 25.81 -16.62
C ARG B 256 11.58 24.39 -16.25
N LEU B 257 12.83 24.18 -15.87
CA LEU B 257 13.29 22.84 -15.52
C LEU B 257 12.57 22.36 -14.25
N ALA B 258 12.47 23.23 -13.25
CA ALA B 258 11.71 22.92 -12.05
C ALA B 258 10.24 22.66 -12.37
N TYR B 259 9.66 23.46 -13.27
CA TYR B 259 8.26 23.21 -13.65
C TYR B 259 8.09 21.81 -14.23
N GLU B 260 8.95 21.42 -15.17
CA GLU B 260 8.92 20.06 -15.71
C GLU B 260 9.08 19.00 -14.61
N TYR B 261 10.00 19.23 -13.67
CA TYR B 261 10.21 18.25 -12.60
C TYR B 261 8.94 18.11 -11.76
N ILE B 262 8.37 19.23 -11.30
CA ILE B 262 7.22 19.11 -10.40
C ILE B 262 6.04 18.48 -11.10
N LEU B 263 5.75 18.92 -12.33
CA LEU B 263 4.62 18.35 -13.09
C LEU B 263 4.83 16.86 -13.39
N SER B 264 6.03 16.46 -13.83
CA SER B 264 6.22 15.07 -14.17
C SER B 264 6.15 14.18 -12.93
N GLU B 265 6.66 14.67 -11.80
CA GLU B 265 6.58 13.89 -10.56
C GLU B 265 5.14 13.72 -10.12
N ARG B 266 4.36 14.80 -10.16
CA ARG B 266 2.97 14.71 -9.70
C ARG B 266 2.08 13.96 -10.69
N LEU B 267 2.32 14.09 -11.99
CA LEU B 267 1.51 13.37 -12.98
C LEU B 267 1.86 11.88 -13.04
N LEU B 268 3.07 11.48 -12.65
CA LEU B 268 3.56 10.12 -12.91
C LEU B 268 3.99 9.39 -11.64
N ARG B 269 5.16 9.73 -11.07
CA ARG B 269 5.69 8.94 -9.96
C ARG B 269 4.72 8.91 -8.78
N TYR B 270 4.18 10.07 -8.38
CA TYR B 270 3.27 10.09 -7.24
C TYR B 270 1.95 9.42 -7.56
N ALA B 271 1.52 9.46 -8.83
CA ALA B 271 0.23 8.91 -9.21
C ALA B 271 0.17 7.38 -9.09
N VAL B 272 1.30 6.69 -8.98
CA VAL B 272 1.30 5.24 -8.91
C VAL B 272 1.72 4.73 -7.53
N GLU B 273 1.94 5.61 -6.56
CA GLU B 273 2.40 5.15 -5.26
C GLU B 273 1.34 4.35 -4.49
N GLY B 274 1.77 3.25 -3.87
CA GLY B 274 0.90 2.50 -2.99
C GLY B 274 0.40 1.19 -3.56
N ILE B 275 0.59 0.10 -2.83
CA ILE B 275 0.05 -1.21 -3.20
C ILE B 275 -0.63 -1.77 -1.95
N PRO B 276 -1.85 -2.35 -2.03
CA PRO B 276 -2.66 -2.47 -3.24
C PRO B 276 -3.47 -1.20 -3.53
N ARG B 277 -3.58 -0.30 -2.57
CA ARG B 277 -4.36 0.92 -2.76
C ARG B 277 -3.45 2.12 -2.90
N PRO B 278 -3.92 3.20 -3.54
CA PRO B 278 -3.11 4.42 -3.61
C PRO B 278 -2.85 4.99 -2.21
N ASN B 279 -1.63 5.49 -1.98
CA ASN B 279 -1.38 6.24 -0.76
C ASN B 279 -1.97 7.66 -0.92
N TYR B 280 -1.74 8.52 0.07
CA TYR B 280 -2.32 9.86 0.04
C TYR B 280 -1.86 10.63 -1.19
N ASP B 281 -0.56 10.57 -1.51
CA ASP B 281 -0.07 11.31 -2.67
C ASP B 281 -0.74 10.85 -3.97
N ALA B 282 -0.93 9.54 -4.13
CA ALA B 282 -1.51 8.99 -5.36
C ALA B 282 -2.98 9.39 -5.53
N VAL B 283 -3.75 9.38 -4.44
CA VAL B 283 -5.15 9.81 -4.53
C VAL B 283 -5.22 11.25 -5.07
N ALA B 284 -4.38 12.13 -4.53
CA ALA B 284 -4.41 13.52 -4.96
C ALA B 284 -3.91 13.67 -6.38
N SER B 285 -2.87 12.90 -6.75
CA SER B 285 -2.38 12.91 -8.13
C SER B 285 -3.44 12.40 -9.10
N GLN B 286 -4.26 11.43 -8.67
CA GLN B 286 -5.33 10.94 -9.55
C GLN B 286 -6.45 11.96 -9.68
N LEU B 287 -6.73 12.68 -8.60
CA LEU B 287 -7.62 13.83 -8.63
C LEU B 287 -7.14 14.84 -9.67
N LEU B 288 -5.86 15.21 -9.61
CA LEU B 288 -5.29 16.11 -10.60
C LEU B 288 -5.44 15.58 -12.02
N PHE B 289 -5.08 14.31 -12.22
CA PHE B 289 -5.14 13.73 -13.57
C PHE B 289 -6.55 13.81 -14.13
N ASN B 290 -7.56 13.40 -13.35
CA ASN B 290 -8.93 13.42 -13.88
C ASN B 290 -9.47 14.85 -14.03
N TYR B 291 -9.17 15.73 -13.06
CA TYR B 291 -9.54 17.12 -13.22
C TYR B 291 -8.98 17.70 -14.52
N LEU B 292 -7.69 17.52 -14.76
CA LEU B 292 -7.08 18.10 -15.95
C LEU B 292 -7.69 17.51 -17.22
N SER B 293 -7.96 16.19 -17.22
CA SER B 293 -8.59 15.55 -18.37
C SER B 293 -9.96 16.14 -18.64
N GLU B 294 -10.75 16.34 -17.59
CA GLU B 294 -12.12 16.78 -17.79
C GLU B 294 -12.21 18.27 -18.07
N HIS B 295 -11.17 19.05 -17.76
CA HIS B 295 -11.22 20.50 -17.89
C HIS B 295 -10.26 21.05 -18.95
N GLY B 296 -9.74 20.21 -19.84
CA GLY B 296 -8.99 20.72 -20.99
C GLY B 296 -7.52 21.01 -20.78
N GLY B 297 -6.90 20.49 -19.71
CA GLY B 297 -5.49 20.72 -19.49
C GLY B 297 -4.55 19.66 -20.04
N ILE B 298 -5.03 18.41 -20.15
CA ILE B 298 -4.30 17.32 -20.80
C ILE B 298 -5.30 16.52 -21.63
N GLU B 299 -4.77 15.78 -22.61
CA GLU B 299 -5.59 14.91 -23.44
C GLU B 299 -4.91 13.55 -23.54
N LEU B 300 -5.71 12.49 -23.61
CA LEU B 300 -5.19 11.14 -23.81
C LEU B 300 -5.38 10.74 -25.27
N HIS B 301 -4.26 10.52 -25.95
CA HIS B 301 -4.28 10.12 -27.37
C HIS B 301 -3.32 8.93 -27.51
N GLY B 302 -3.84 7.75 -27.86
CA GLY B 302 -3.01 6.56 -27.99
C GLY B 302 -2.55 6.01 -26.65
N GLY B 303 -3.27 6.32 -25.58
CA GLY B 303 -2.89 5.89 -24.22
C GLY B 303 -1.77 6.74 -23.65
N VAL B 304 -1.38 7.78 -24.38
CA VAL B 304 -0.28 8.65 -23.93
C VAL B 304 -0.85 10.02 -23.53
N ILE B 305 -0.20 10.66 -22.60
CA ILE B 305 -0.67 11.97 -22.11
C ILE B 305 -0.09 13.11 -22.93
N ARG B 306 -0.96 13.96 -23.46
CA ARG B 306 -0.55 15.18 -24.13
C ARG B 306 -0.82 16.35 -23.20
N LEU B 307 0.20 17.15 -22.95
CA LEU B 307 0.03 18.39 -22.20
C LEU B 307 -0.55 19.44 -23.13
N CYS B 308 -1.73 19.96 -22.82
CA CYS B 308 -2.34 20.97 -23.67
C CYS B 308 -1.65 22.32 -23.51
N PRO B 309 -1.63 23.12 -24.58
CA PRO B 309 -1.10 24.48 -24.43
C PRO B 309 -1.81 25.28 -23.34
N GLU B 310 -3.11 25.00 -23.10
CA GLU B 310 -3.90 25.71 -22.11
C GLU B 310 -3.62 25.22 -20.67
N LEU B 311 -2.72 24.26 -20.48
CA LEU B 311 -2.51 23.71 -19.14
C LEU B 311 -2.24 24.74 -18.07
N PRO B 312 -1.41 25.79 -18.29
CA PRO B 312 -1.22 26.79 -17.22
C PRO B 312 -2.52 27.41 -16.76
N ALA B 313 -3.45 27.68 -17.67
CA ALA B 313 -4.74 28.23 -17.26
C ALA B 313 -5.57 27.21 -16.45
N VAL B 314 -5.47 25.92 -16.79
CA VAL B 314 -6.25 24.93 -16.06
C VAL B 314 -5.65 24.66 -14.69
N LEU B 315 -4.32 24.74 -14.57
CA LEU B 315 -3.69 24.62 -13.26
C LEU B 315 -4.12 25.75 -12.34
N THR B 316 -4.18 26.96 -12.88
CA THR B 316 -4.63 28.14 -12.09
C THR B 316 -6.07 27.91 -11.62
N GLU B 317 -6.92 27.45 -12.52
CA GLU B 317 -8.30 27.15 -12.17
C GLU B 317 -8.38 26.11 -11.06
N PHE B 318 -7.50 25.09 -11.12
CA PHE B 318 -7.52 24.04 -10.11
C PHE B 318 -7.08 24.58 -8.75
N LEU B 319 -5.99 25.33 -8.72
CA LEU B 319 -5.57 25.93 -7.44
C LEU B 319 -6.61 26.91 -6.94
N ASP B 320 -7.20 27.72 -7.83
CA ASP B 320 -8.26 28.64 -7.40
C ASP B 320 -9.41 27.87 -6.76
N ARG B 321 -9.76 26.72 -7.33
CA ARG B 321 -10.83 25.91 -6.77
C ARG B 321 -10.51 25.44 -5.34
N ILE B 322 -9.32 24.87 -5.15
CA ILE B 322 -8.90 24.50 -3.79
C ILE B 322 -9.00 25.69 -2.86
N GLN B 323 -8.49 26.85 -3.31
CA GLN B 323 -8.45 28.02 -2.43
C GLN B 323 -9.85 28.54 -2.12
N ARG B 324 -10.82 28.38 -3.03
CA ARG B 324 -12.19 28.77 -2.69
C ARG B 324 -12.81 27.84 -1.64
N ILE B 325 -12.48 26.56 -1.67
CA ILE B 325 -12.98 25.66 -0.65
C ILE B 325 -12.37 26.01 0.71
N GLU B 326 -11.04 26.24 0.73
CA GLU B 326 -10.36 26.53 1.99
C GLU B 326 -10.72 27.92 2.55
N GLN B 327 -11.08 28.86 1.66
CA GLN B 327 -11.37 30.22 2.13
C GLN B 327 -12.56 30.25 3.08
N ARG B 328 -13.48 29.29 2.93
CA ARG B 328 -14.67 29.27 3.77
C ARG B 328 -14.36 28.92 5.23
N ILE B 329 -13.09 28.64 5.56
CA ILE B 329 -12.70 28.50 6.96
C ILE B 329 -13.08 29.74 7.75
N HIS B 330 -13.20 30.90 7.08
CA HIS B 330 -13.55 32.14 7.79
C HIS B 330 -15.02 32.25 8.15
N THR B 331 -15.89 31.43 7.55
CA THR B 331 -17.32 31.51 7.84
C THR B 331 -17.95 30.17 8.20
N THR B 332 -17.19 29.08 8.18
CA THR B 332 -17.73 27.77 8.50
C THR B 332 -16.69 27.03 9.33
N SER B 333 -17.08 25.90 9.89
CA SER B 333 -16.15 25.14 10.70
C SER B 333 -15.06 24.51 9.83
N ALA B 334 -13.98 24.11 10.51
CA ALA B 334 -12.95 23.32 9.85
C ALA B 334 -13.50 21.98 9.38
N GLU B 335 -14.41 21.37 10.15
CA GLU B 335 -15.01 20.10 9.71
C GLU B 335 -15.82 20.30 8.44
N GLU B 336 -16.53 21.40 8.32
CA GLU B 336 -17.29 21.61 7.10
C GLU B 336 -16.36 21.79 5.91
N VAL B 337 -15.21 22.45 6.12
CA VAL B 337 -14.28 22.59 5.01
C VAL B 337 -13.75 21.21 4.60
N GLN B 338 -13.39 20.38 5.58
CA GLN B 338 -12.98 19.00 5.28
C GLN B 338 -13.98 18.27 4.39
N GLN B 339 -15.27 18.37 4.71
CA GLN B 339 -16.25 17.61 3.92
C GLN B 339 -16.31 18.12 2.49
N ASN B 340 -16.07 19.41 2.28
CA ASN B 340 -16.08 19.95 0.93
C ASN B 340 -14.79 19.65 0.18
N LEU B 341 -13.67 19.51 0.88
CA LEU B 341 -12.44 19.04 0.25
C LEU B 341 -12.55 17.57 -0.15
N LEU B 342 -13.18 16.76 0.70
CA LEU B 342 -13.44 15.35 0.37
C LEU B 342 -14.39 15.24 -0.82
N GLU B 343 -15.48 16.00 -0.78
CA GLU B 343 -16.44 15.94 -1.86
C GLU B 343 -15.77 16.25 -3.20
N PHE B 344 -14.95 17.30 -3.22
CA PHE B 344 -14.21 17.66 -4.43
C PHE B 344 -13.31 16.49 -4.86
N THR B 345 -12.49 15.97 -3.94
CA THR B 345 -11.60 14.86 -4.26
C THR B 345 -12.35 13.68 -4.87
N ASN B 346 -13.45 13.27 -4.23
CA ASN B 346 -14.14 12.06 -4.64
C ASN B 346 -14.82 12.18 -5.99
N ARG B 347 -15.11 13.40 -6.43
CA ARG B 347 -15.65 13.59 -7.77
C ARG B 347 -14.68 13.11 -8.84
N TYR B 348 -13.39 13.04 -8.52
CA TYR B 348 -12.37 12.84 -9.55
C TYR B 348 -11.44 11.67 -9.23
N THR B 349 -11.78 10.86 -8.24
CA THR B 349 -11.01 9.67 -7.90
C THR B 349 -11.96 8.48 -7.76
N ASP B 350 -11.39 7.30 -7.58
CA ASP B 350 -12.19 6.07 -7.44
C ASP B 350 -12.37 5.77 -5.94
N TYR B 351 -13.43 6.32 -5.35
CA TYR B 351 -13.72 6.18 -3.94
C TYR B 351 -14.74 5.07 -3.73
N ASP B 352 -14.44 4.13 -2.83
CA ASP B 352 -15.33 3.04 -2.47
C ASP B 352 -16.03 3.40 -1.17
N PRO B 353 -17.31 3.81 -1.19
CA PRO B 353 -17.94 4.29 0.05
C PRO B 353 -18.18 3.21 1.09
N ASP B 354 -18.22 1.93 0.69
CA ASP B 354 -18.38 0.92 1.74
C ASP B 354 -17.05 0.61 2.42
N ALA B 355 -15.96 0.58 1.64
CA ALA B 355 -14.66 0.43 2.26
C ALA B 355 -14.17 1.72 2.88
N LYS B 356 -14.72 2.87 2.47
CA LYS B 356 -14.21 4.17 2.89
C LYS B 356 -12.73 4.28 2.57
N ASP B 357 -12.38 3.91 1.34
CA ASP B 357 -10.99 3.99 0.89
C ASP B 357 -11.00 4.09 -0.62
N TYR B 358 -9.81 4.12 -1.23
CA TYR B 358 -9.66 4.44 -2.64
C TYR B 358 -9.01 3.28 -3.38
N ARG B 359 -9.33 3.16 -4.66
CA ARG B 359 -8.67 2.25 -5.58
C ARG B 359 -7.92 3.05 -6.64
N HIS B 360 -6.80 2.52 -7.12
CA HIS B 360 -6.12 3.14 -8.25
C HIS B 360 -7.06 3.22 -9.43
N ILE B 361 -7.21 4.40 -10.00
CA ILE B 361 -8.03 4.55 -11.22
C ILE B 361 -7.46 3.66 -12.32
N PRO B 362 -8.29 3.18 -13.25
CA PRO B 362 -7.83 2.15 -14.19
C PRO B 362 -6.63 2.57 -15.04
N PHE B 363 -6.57 3.85 -15.45
CA PHE B 363 -5.44 4.34 -16.22
C PHE B 363 -4.12 4.03 -15.53
N PHE B 364 -4.02 4.31 -14.23
CA PHE B 364 -2.78 4.06 -13.52
C PHE B 364 -2.65 2.62 -13.01
N ALA B 365 -3.76 1.94 -12.75
CA ALA B 365 -3.65 0.51 -12.46
C ALA B 365 -3.00 -0.24 -13.62
N GLU B 366 -3.33 0.14 -14.86
CA GLU B 366 -2.75 -0.54 -16.01
C GLU B 366 -1.25 -0.26 -16.11
N ILE B 367 -0.86 0.99 -15.85
CA ILE B 367 0.56 1.37 -15.87
C ILE B 367 1.35 0.64 -14.79
N LYS B 368 0.80 0.52 -13.58
CA LYS B 368 1.46 -0.24 -12.52
C LYS B 368 1.73 -1.68 -12.98
N GLU B 369 0.73 -2.33 -13.58
CA GLU B 369 0.91 -3.68 -14.11
C GLU B 369 1.96 -3.72 -15.24
N ARG B 370 1.91 -2.75 -16.16
CA ARG B 370 2.75 -2.77 -17.35
C ARG B 370 4.22 -2.57 -17.00
N LEU B 371 4.51 -1.61 -16.14
CA LEU B 371 5.89 -1.19 -15.86
C LEU B 371 6.39 -1.71 -14.52
N GLY B 372 5.54 -2.37 -13.75
CA GLY B 372 5.92 -2.82 -12.41
C GLY B 372 6.27 -1.69 -11.45
N VAL B 373 5.46 -0.62 -11.42
CA VAL B 373 5.69 0.55 -10.55
C VAL B 373 4.54 0.74 -9.54
#